data_8GAQ
#
_entry.id   8GAQ
#
_entity_poly.entity_id   1
_entity_poly.type   'polypeptide(L)'
_entity_poly.pdbx_seq_one_letter_code
;MVEELKRKLRQAKEDGDEELLERVKNEMLLLAVVDPRVLVEVLNTAKELGDEEMYKKVKGIMLRLAVVDPRVLVLVLELA
EALGDEEMKEKVKNIMLLLAVVDPRVLVLVLELAEELGDEEMKKEVEEILDKLAEVDPRVAVLKEVAKKEGSWLEHHHHH
H
;
_entity_poly.pdbx_strand_id   A,C,E,G,I
#
# COMPACT_ATOMS: atom_id res chain seq x y z
N VAL A 2 -2.12 9.07 -19.92
CA VAL A 2 -1.39 10.22 -19.43
C VAL A 2 -1.31 11.22 -20.57
N GLU A 3 -0.32 12.12 -20.54
CA GLU A 3 -0.22 13.14 -21.58
C GLU A 3 0.18 12.55 -22.93
N GLU A 4 1.15 11.62 -22.93
CA GLU A 4 1.64 11.07 -24.19
C GLU A 4 0.58 10.22 -24.87
N LEU A 5 -0.12 9.37 -24.12
CA LEU A 5 -1.15 8.54 -24.71
C LEU A 5 -2.36 9.37 -25.12
N LYS A 6 -2.68 10.43 -24.38
CA LYS A 6 -3.73 11.35 -24.81
C LYS A 6 -3.36 12.01 -26.13
N ARG A 7 -2.12 12.49 -26.24
CA ARG A 7 -1.67 13.11 -27.49
C ARG A 7 -1.75 12.12 -28.65
N LYS A 8 -1.24 10.90 -28.44
CA LYS A 8 -1.30 9.88 -29.48
C LYS A 8 -2.74 9.59 -29.90
N LEU A 9 -3.63 9.39 -28.94
CA LEU A 9 -5.01 9.06 -29.27
C LEU A 9 -5.66 10.20 -30.05
N ARG A 10 -5.48 11.44 -29.59
CA ARG A 10 -6.11 12.57 -30.29
C ARG A 10 -5.56 12.72 -31.70
N GLN A 11 -4.24 12.63 -31.87
CA GLN A 11 -3.68 12.78 -33.21
C GLN A 11 -4.13 11.64 -34.12
N ALA A 12 -4.21 10.42 -33.61
CA ALA A 12 -4.75 9.33 -34.40
C ALA A 12 -6.20 9.58 -34.77
N LYS A 13 -6.97 10.13 -33.83
CA LYS A 13 -8.39 10.35 -34.07
C LYS A 13 -8.61 11.39 -35.17
N GLU A 14 -7.79 12.44 -35.18
CA GLU A 14 -7.94 13.41 -36.26
C GLU A 14 -7.42 12.89 -37.60
N ASP A 15 -6.60 11.85 -37.60
CA ASP A 15 -6.19 11.23 -38.86
C ASP A 15 -6.84 9.87 -39.12
N GLY A 16 -7.77 9.43 -38.28
CA GLY A 16 -8.42 8.15 -38.54
C GLY A 16 -7.59 6.93 -38.19
N ASP A 17 -7.76 5.86 -38.96
CA ASP A 17 -7.04 4.60 -38.74
C ASP A 17 -7.39 3.96 -37.41
N GLU A 18 -8.65 3.51 -37.30
CA GLU A 18 -9.15 2.88 -36.07
C GLU A 18 -8.21 1.81 -35.53
N GLU A 19 -7.45 1.12 -36.39
CA GLU A 19 -6.63 0.00 -35.94
C GLU A 19 -5.57 0.43 -34.92
N LEU A 20 -5.16 1.70 -34.95
CA LEU A 20 -4.23 2.25 -33.97
C LEU A 20 -4.99 2.80 -32.76
N LEU A 21 -6.14 3.44 -33.01
CA LEU A 21 -6.95 4.00 -31.94
C LEU A 21 -7.40 2.94 -30.95
N GLU A 22 -7.84 1.78 -31.45
CA GLU A 22 -8.26 0.71 -30.55
C GLU A 22 -7.14 0.30 -29.61
N ARG A 23 -5.93 0.12 -30.14
CA ARG A 23 -4.81 -0.32 -29.32
C ARG A 23 -4.42 0.73 -28.30
N VAL A 24 -4.31 2.00 -28.72
CA VAL A 24 -3.95 3.05 -27.79
C VAL A 24 -4.99 3.17 -26.68
N LYS A 25 -6.28 3.13 -27.04
CA LYS A 25 -7.32 3.24 -26.04
C LYS A 25 -7.26 2.09 -25.04
N ASN A 26 -7.10 0.86 -25.54
CA ASN A 26 -7.06 -0.28 -24.63
C ASN A 26 -5.84 -0.22 -23.71
N GLU A 27 -4.69 0.18 -24.23
CA GLU A 27 -3.52 0.34 -23.37
C GLU A 27 -3.72 1.44 -22.35
N MET A 28 -4.44 2.51 -22.73
CA MET A 28 -4.70 3.59 -21.79
C MET A 28 -5.63 3.15 -20.67
N LEU A 29 -6.66 2.38 -21.01
CA LEU A 29 -7.53 1.82 -19.97
C LEU A 29 -6.75 0.93 -19.03
N LEU A 30 -5.89 0.07 -19.59
CA LEU A 30 -5.07 -0.81 -18.75
C LEU A 30 -4.17 -0.01 -17.82
N LEU A 31 -3.52 1.02 -18.34
CA LEU A 31 -2.70 1.88 -17.49
C LEU A 31 -3.53 2.54 -16.40
N ALA A 32 -4.75 2.96 -16.74
CA ALA A 32 -5.61 3.61 -15.75
C ALA A 32 -6.01 2.63 -14.64
N VAL A 33 -6.09 1.33 -14.96
CA VAL A 33 -6.44 0.35 -13.93
C VAL A 33 -5.43 0.38 -12.79
N VAL A 34 -4.14 0.48 -13.13
CA VAL A 34 -3.09 0.35 -12.12
C VAL A 34 -2.64 1.69 -11.55
N ASP A 35 -2.84 2.79 -12.27
CA ASP A 35 -2.40 4.12 -11.82
C ASP A 35 -3.64 4.98 -11.60
N PRO A 36 -4.17 5.02 -10.37
CA PRO A 36 -5.43 5.74 -10.15
C PRO A 36 -5.34 7.23 -10.40
N ARG A 37 -4.16 7.83 -10.24
CA ARG A 37 -3.96 9.23 -10.58
C ARG A 37 -4.29 9.51 -12.05
N VAL A 38 -4.19 8.51 -12.91
CA VAL A 38 -4.51 8.71 -14.31
C VAL A 38 -6.02 8.70 -14.54
N LEU A 39 -6.78 8.07 -13.63
CA LEU A 39 -8.20 7.81 -13.88
C LEU A 39 -8.96 9.10 -14.16
N VAL A 40 -8.83 10.10 -13.28
CA VAL A 40 -9.58 11.34 -13.44
C VAL A 40 -9.28 11.99 -14.78
N GLU A 41 -8.14 11.67 -15.39
CA GLU A 41 -7.89 12.11 -16.76
C GLU A 41 -8.63 11.21 -17.75
N VAL A 42 -8.36 9.90 -17.71
CA VAL A 42 -8.92 8.98 -18.70
C VAL A 42 -10.44 9.07 -18.72
N LEU A 43 -11.05 9.27 -17.54
CA LEU A 43 -12.49 9.46 -17.50
C LEU A 43 -12.92 10.64 -18.36
N ASN A 44 -12.37 11.83 -18.07
CA ASN A 44 -12.85 13.04 -18.73
C ASN A 44 -12.60 13.00 -20.22
N THR A 45 -11.40 12.55 -20.63
CA THR A 45 -11.13 12.38 -22.05
C THR A 45 -12.17 11.47 -22.70
N ALA A 46 -12.55 10.39 -22.00
CA ALA A 46 -13.56 9.49 -22.55
C ALA A 46 -14.86 10.23 -22.79
N LYS A 47 -15.21 11.16 -21.90
CA LYS A 47 -16.41 11.96 -22.11
C LYS A 47 -16.25 12.89 -23.30
N GLU A 48 -15.04 13.42 -23.49
CA GLU A 48 -14.83 14.44 -24.53
C GLU A 48 -14.96 13.85 -25.92
N LEU A 49 -14.47 12.62 -26.12
CA LEU A 49 -14.57 11.98 -27.43
C LEU A 49 -16.00 11.75 -27.86
N GLY A 50 -16.95 11.75 -26.92
CA GLY A 50 -18.32 11.42 -27.23
C GLY A 50 -18.62 9.94 -27.29
N ASP A 51 -17.79 9.12 -26.65
CA ASP A 51 -17.97 7.67 -26.60
C ASP A 51 -18.41 7.31 -25.18
N GLU A 52 -19.71 7.10 -24.99
CA GLU A 52 -20.19 6.64 -23.70
C GLU A 52 -19.73 5.23 -23.38
N GLU A 53 -19.29 4.46 -24.37
CA GLU A 53 -18.84 3.10 -24.08
C GLU A 53 -17.52 3.10 -23.33
N MET A 54 -16.55 3.91 -23.78
CA MET A 54 -15.29 4.02 -23.05
C MET A 54 -15.50 4.61 -21.67
N TYR A 55 -16.29 5.68 -21.58
CA TYR A 55 -16.57 6.31 -20.30
C TYR A 55 -17.25 5.32 -19.34
N LYS A 56 -18.20 4.55 -19.86
CA LYS A 56 -18.92 3.60 -19.02
C LYS A 56 -18.03 2.45 -18.58
N LYS A 57 -17.17 1.96 -19.46
CA LYS A 57 -16.24 0.91 -19.05
C LYS A 57 -15.23 1.44 -18.03
N VAL A 58 -14.83 2.71 -18.15
CA VAL A 58 -13.92 3.27 -17.17
C VAL A 58 -14.62 3.45 -15.83
N LYS A 59 -15.90 3.82 -15.84
CA LYS A 59 -16.65 3.85 -14.58
C LYS A 59 -16.71 2.45 -13.97
N GLY A 60 -16.96 1.43 -14.79
CA GLY A 60 -16.91 0.06 -14.33
C GLY A 60 -15.59 -0.30 -13.68
N ILE A 61 -14.49 0.02 -14.39
CA ILE A 61 -13.17 -0.32 -13.90
C ILE A 61 -12.90 0.34 -12.56
N MET A 62 -13.12 1.65 -12.47
CA MET A 62 -12.82 2.32 -11.20
C MET A 62 -13.74 1.83 -10.09
N LEU A 63 -14.99 1.53 -10.41
CA LEU A 63 -15.91 1.08 -9.37
C LEU A 63 -15.49 -0.27 -8.81
N ARG A 64 -15.16 -1.24 -9.67
CA ARG A 64 -14.72 -2.52 -9.13
C ARG A 64 -13.31 -2.45 -8.58
N LEU A 65 -12.53 -1.43 -8.97
CA LEU A 65 -11.25 -1.23 -8.30
C LEU A 65 -11.45 -0.69 -6.89
N ALA A 66 -12.55 0.03 -6.66
CA ALA A 66 -12.81 0.57 -5.33
C ALA A 66 -12.89 -0.53 -4.28
N VAL A 67 -13.53 -1.66 -4.61
CA VAL A 67 -13.80 -2.69 -3.61
C VAL A 67 -12.54 -3.48 -3.26
N VAL A 68 -11.40 -3.12 -3.86
CA VAL A 68 -10.15 -3.81 -3.51
C VAL A 68 -9.07 -2.80 -3.16
N ASP A 69 -9.40 -1.51 -3.21
CA ASP A 69 -8.46 -0.47 -2.82
C ASP A 69 -9.23 0.68 -2.19
N PRO A 70 -9.30 0.75 -0.85
CA PRO A 70 -10.12 1.77 -0.20
C PRO A 70 -9.63 3.21 -0.39
N ARG A 71 -8.47 3.42 -1.00
CA ARG A 71 -8.09 4.78 -1.35
C ARG A 71 -8.96 5.31 -2.47
N VAL A 72 -9.24 4.48 -3.48
CA VAL A 72 -10.14 4.86 -4.56
C VAL A 72 -11.57 5.02 -4.05
N LEU A 73 -11.90 4.36 -2.94
CA LEU A 73 -13.26 4.43 -2.42
C LEU A 73 -13.62 5.84 -1.98
N VAL A 74 -12.64 6.68 -1.68
CA VAL A 74 -12.92 8.09 -1.46
C VAL A 74 -12.96 8.85 -2.78
N LEU A 75 -12.09 8.48 -3.72
CA LEU A 75 -12.05 9.15 -5.01
C LEU A 75 -13.40 9.06 -5.71
N VAL A 76 -13.93 7.84 -5.86
CA VAL A 76 -15.20 7.68 -6.56
C VAL A 76 -16.34 8.26 -5.73
N LEU A 77 -16.23 8.22 -4.41
CA LEU A 77 -17.27 8.77 -3.56
C LEU A 77 -17.40 10.28 -3.76
N GLU A 78 -16.28 10.97 -3.87
CA GLU A 78 -16.34 12.41 -4.15
C GLU A 78 -16.70 12.67 -5.60
N LEU A 79 -16.20 11.84 -6.52
CA LEU A 79 -16.47 12.01 -7.94
C LEU A 79 -17.97 11.86 -8.24
N ALA A 80 -18.67 11.05 -7.44
CA ALA A 80 -20.11 10.93 -7.62
C ALA A 80 -20.80 12.27 -7.40
N GLU A 81 -20.38 13.03 -6.40
CA GLU A 81 -20.94 14.36 -6.20
C GLU A 81 -20.44 15.34 -7.24
N ALA A 82 -19.19 15.17 -7.69
CA ALA A 82 -18.64 16.08 -8.69
C ALA A 82 -19.39 15.98 -10.01
N LEU A 83 -19.75 14.75 -10.41
CA LEU A 83 -20.55 14.56 -11.61
C LEU A 83 -22.04 14.71 -11.33
N GLY A 84 -22.51 14.12 -10.23
CA GLY A 84 -23.93 14.10 -9.96
C GLY A 84 -24.67 13.05 -10.76
N ASP A 85 -24.08 11.87 -10.91
CA ASP A 85 -24.64 10.80 -11.72
C ASP A 85 -25.40 9.83 -10.82
N GLU A 86 -26.62 9.46 -11.25
CA GLU A 86 -27.46 8.61 -10.42
C GLU A 86 -26.99 7.17 -10.32
N GLU A 87 -26.02 6.76 -11.14
CA GLU A 87 -25.46 5.42 -10.95
C GLU A 87 -24.37 5.44 -9.88
N MET A 88 -23.37 6.30 -10.03
CA MET A 88 -22.30 6.40 -9.05
C MET A 88 -22.86 6.64 -7.65
N LYS A 89 -23.78 7.61 -7.53
CA LYS A 89 -24.41 7.87 -6.25
C LYS A 89 -25.21 6.68 -5.73
N GLU A 90 -25.55 5.73 -6.60
CA GLU A 90 -26.25 4.52 -6.17
C GLU A 90 -25.27 3.38 -5.87
N LYS A 91 -24.47 3.00 -6.86
CA LYS A 91 -23.65 1.81 -6.71
C LYS A 91 -22.47 2.04 -5.77
N VAL A 92 -21.91 3.25 -5.75
CA VAL A 92 -20.82 3.51 -4.81
C VAL A 92 -21.33 3.49 -3.38
N LYS A 93 -22.49 4.10 -3.15
CA LYS A 93 -23.11 4.02 -1.83
C LYS A 93 -23.42 2.57 -1.45
N ASN A 94 -23.83 1.76 -2.42
CA ASN A 94 -24.13 0.36 -2.11
C ASN A 94 -22.87 -0.41 -1.77
N ILE A 95 -21.81 -0.24 -2.55
CA ILE A 95 -20.59 -1.01 -2.25
C ILE A 95 -19.98 -0.53 -0.94
N MET A 96 -20.17 0.73 -0.55
CA MET A 96 -19.74 1.12 0.78
C MET A 96 -20.58 0.42 1.85
N LEU A 97 -21.91 0.47 1.73
CA LEU A 97 -22.75 -0.07 2.78
C LEU A 97 -22.90 -1.57 2.62
N LEU A 98 -22.01 -2.17 1.84
CA LEU A 98 -21.87 -3.62 1.82
C LEU A 98 -20.45 -4.05 2.18
N LEU A 99 -19.46 -3.25 1.76
CA LEU A 99 -18.07 -3.52 2.12
C LEU A 99 -17.82 -3.23 3.58
N ALA A 100 -18.58 -2.31 4.18
CA ALA A 100 -18.40 -2.04 5.60
C ALA A 100 -18.64 -3.29 6.44
N VAL A 101 -19.44 -4.22 5.94
CA VAL A 101 -19.72 -5.44 6.69
C VAL A 101 -18.44 -6.21 6.97
N VAL A 102 -17.49 -6.19 6.03
CA VAL A 102 -16.38 -7.12 6.07
C VAL A 102 -15.02 -6.43 6.11
N ASP A 103 -14.98 -5.11 6.30
CA ASP A 103 -13.72 -4.37 6.33
C ASP A 103 -13.89 -3.10 7.16
N PRO A 104 -13.62 -3.18 8.47
CA PRO A 104 -14.08 -2.12 9.39
C PRO A 104 -13.42 -0.76 9.20
N ARG A 105 -12.26 -0.66 8.55
CA ARG A 105 -11.76 0.66 8.18
C ARG A 105 -12.79 1.40 7.34
N VAL A 106 -13.54 0.67 6.52
CA VAL A 106 -14.65 1.27 5.80
C VAL A 106 -15.85 1.47 6.71
N LEU A 107 -15.96 0.70 7.81
CA LEU A 107 -17.07 0.93 8.73
C LEU A 107 -16.94 2.27 9.43
N VAL A 108 -15.73 2.66 9.81
CA VAL A 108 -15.57 3.97 10.44
C VAL A 108 -15.75 5.08 9.42
N LEU A 109 -15.32 4.85 8.17
CA LEU A 109 -15.60 5.83 7.12
C LEU A 109 -17.09 6.02 6.93
N VAL A 110 -17.86 4.94 6.97
CA VAL A 110 -19.31 5.05 6.84
C VAL A 110 -19.89 5.79 8.04
N LEU A 111 -19.36 5.53 9.24
CA LEU A 111 -19.85 6.26 10.41
C LEU A 111 -19.55 7.75 10.30
N GLU A 112 -18.44 8.11 9.66
CA GLU A 112 -18.14 9.53 9.45
C GLU A 112 -19.06 10.14 8.39
N LEU A 113 -19.33 9.39 7.32
CA LEU A 113 -20.26 9.88 6.29
C LEU A 113 -21.67 10.06 6.85
N ALA A 114 -22.05 9.25 7.82
CA ALA A 114 -23.40 9.41 8.32
C ALA A 114 -23.58 10.68 9.14
N GLU A 115 -22.57 11.52 9.24
CA GLU A 115 -22.73 12.85 9.82
C GLU A 115 -22.22 13.95 8.89
N GLU A 116 -21.14 13.70 8.14
CA GLU A 116 -20.63 14.72 7.24
C GLU A 116 -21.61 14.99 6.09
N LEU A 117 -22.27 13.95 5.60
CA LEU A 117 -23.41 14.14 4.72
C LEU A 117 -24.73 14.17 5.48
N GLY A 118 -24.79 13.47 6.62
CA GLY A 118 -25.93 13.55 7.50
C GLY A 118 -27.24 13.11 6.88
N ASP A 119 -27.19 12.12 6.00
CA ASP A 119 -28.40 11.61 5.38
C ASP A 119 -29.14 10.69 6.34
N GLU A 120 -30.46 10.82 6.39
CA GLU A 120 -31.24 9.99 7.29
C GLU A 120 -31.26 8.54 6.81
N GLU A 121 -31.48 8.34 5.51
CA GLU A 121 -31.53 6.98 4.97
C GLU A 121 -30.22 6.24 5.18
N MET A 122 -29.09 6.95 5.15
CA MET A 122 -27.81 6.32 5.37
C MET A 122 -27.68 5.85 6.83
N LYS A 123 -27.88 6.76 7.78
CA LYS A 123 -27.70 6.44 9.18
C LYS A 123 -28.68 5.36 9.64
N LYS A 124 -29.94 5.46 9.21
CA LYS A 124 -30.91 4.48 9.66
C LYS A 124 -30.65 3.10 9.07
N GLU A 125 -29.91 3.01 7.98
CA GLU A 125 -29.48 1.70 7.50
C GLU A 125 -28.23 1.23 8.22
N VAL A 126 -27.29 2.15 8.47
CA VAL A 126 -26.04 1.81 9.16
C VAL A 126 -26.33 1.28 10.55
N GLU A 127 -27.41 1.76 11.17
CA GLU A 127 -27.84 1.20 12.45
C GLU A 127 -28.00 -0.32 12.36
N GLU A 128 -28.56 -0.81 11.25
CA GLU A 128 -28.75 -2.25 11.11
C GLU A 128 -27.43 -2.98 10.97
N ILE A 129 -26.50 -2.43 10.19
CA ILE A 129 -25.16 -3.02 10.09
C ILE A 129 -24.53 -3.13 11.46
N LEU A 130 -24.54 -2.04 12.21
CA LEU A 130 -23.90 -2.03 13.52
C LEU A 130 -24.56 -3.03 14.46
N ASP A 131 -25.89 -3.09 14.46
CA ASP A 131 -26.57 -4.02 15.36
C ASP A 131 -26.25 -5.47 14.99
N LYS A 132 -26.37 -5.82 13.71
CA LYS A 132 -26.13 -7.20 13.31
C LYS A 132 -24.69 -7.62 13.52
N LEU A 133 -23.73 -6.69 13.42
CA LEU A 133 -22.36 -7.06 13.70
C LEU A 133 -22.12 -7.19 15.20
N ALA A 134 -22.58 -6.20 15.97
CA ALA A 134 -22.30 -6.19 17.41
C ALA A 134 -22.97 -7.35 18.13
N GLU A 135 -24.09 -7.85 17.60
CA GLU A 135 -24.76 -8.97 18.25
C GLU A 135 -23.92 -10.23 18.25
N VAL A 136 -22.98 -10.36 17.31
CA VAL A 136 -22.24 -11.61 17.16
C VAL A 136 -20.74 -11.34 17.14
N ASP A 137 -20.34 -10.13 17.52
CA ASP A 137 -18.92 -9.79 17.53
C ASP A 137 -18.64 -8.71 18.58
N PRO A 138 -18.15 -9.08 19.76
CA PRO A 138 -18.06 -8.12 20.87
C PRO A 138 -17.18 -6.91 20.60
N ARG A 139 -16.19 -7.03 19.72
CA ARG A 139 -15.35 -5.88 19.40
C ARG A 139 -16.17 -4.76 18.78
N VAL A 140 -17.04 -5.11 17.82
CA VAL A 140 -17.95 -4.13 17.25
C VAL A 140 -18.95 -3.64 18.28
N ALA A 141 -19.25 -4.45 19.31
CA ALA A 141 -20.09 -3.96 20.39
C ALA A 141 -19.39 -2.87 21.17
N VAL A 142 -18.08 -3.03 21.41
CA VAL A 142 -17.32 -1.96 22.06
C VAL A 142 -17.26 -0.74 21.16
N LEU A 143 -17.13 -0.95 19.85
CA LEU A 143 -17.16 0.16 18.90
C LEU A 143 -18.49 0.90 18.97
N LYS A 144 -19.61 0.17 19.09
CA LYS A 144 -20.91 0.79 19.26
C LYS A 144 -20.99 1.54 20.59
N GLU A 145 -20.32 1.04 21.62
CA GLU A 145 -20.32 1.73 22.89
C GLU A 145 -19.58 3.05 22.80
N VAL A 146 -18.41 3.06 22.17
CA VAL A 146 -17.60 4.28 22.11
C VAL A 146 -18.22 5.30 21.17
N ALA A 147 -18.75 4.85 20.03
CA ALA A 147 -19.33 5.77 19.05
C ALA A 147 -20.68 6.32 19.48
N LYS A 148 -21.14 6.01 20.68
CA LYS A 148 -22.42 6.54 21.15
C LYS A 148 -22.23 7.21 22.51
N VAL B 2 12.06 18.41 -4.14
CA VAL B 2 12.74 18.72 -2.90
C VAL B 2 13.79 19.80 -3.13
N GLU B 3 14.40 19.79 -4.32
CA GLU B 3 15.41 20.77 -4.66
C GLU B 3 14.86 22.18 -4.62
N GLU B 4 13.61 22.37 -5.04
CA GLU B 4 13.00 23.69 -4.99
C GLU B 4 12.83 24.16 -3.55
N LEU B 5 12.27 23.29 -2.71
CA LEU B 5 12.13 23.63 -1.29
C LEU B 5 13.49 23.86 -0.65
N LYS B 6 14.50 23.10 -1.09
CA LYS B 6 15.86 23.31 -0.59
C LYS B 6 16.36 24.70 -0.92
N ARG B 7 16.21 25.12 -2.18
CA ARG B 7 16.67 26.44 -2.58
C ARG B 7 15.91 27.53 -1.84
N LYS B 8 14.59 27.34 -1.66
CA LYS B 8 13.80 28.35 -0.94
C LYS B 8 14.26 28.48 0.51
N LEU B 9 14.42 27.34 1.21
CA LEU B 9 14.85 27.42 2.60
C LEU B 9 16.26 27.99 2.71
N ARG B 10 17.14 27.68 1.75
CA ARG B 10 18.48 28.23 1.80
C ARG B 10 18.48 29.74 1.59
N GLN B 11 17.67 30.23 0.64
CA GLN B 11 17.54 31.67 0.46
C GLN B 11 16.97 32.34 1.70
N ALA B 12 15.95 31.73 2.31
CA ALA B 12 15.35 32.30 3.49
C ALA B 12 16.36 32.37 4.64
N LYS B 13 17.15 31.32 4.82
CA LYS B 13 18.19 31.34 5.84
C LYS B 13 19.23 32.40 5.54
N GLU B 14 19.63 32.54 4.26
CA GLU B 14 20.64 33.51 3.90
C GLU B 14 20.18 34.94 4.13
N ASP B 15 18.90 35.22 3.90
CA ASP B 15 18.40 36.56 4.15
C ASP B 15 18.18 36.80 5.65
N GLY B 16 17.45 35.91 6.30
CA GLY B 16 17.16 36.03 7.71
C GLY B 16 15.70 36.28 8.00
N ASP B 17 14.83 35.77 7.11
CA ASP B 17 13.39 35.94 7.25
C ASP B 17 12.81 34.70 7.93
N GLU B 18 12.84 34.72 9.26
CA GLU B 18 12.45 33.57 10.05
C GLU B 18 11.03 33.09 9.76
N GLU B 19 10.13 33.98 9.32
CA GLU B 19 8.75 33.57 9.08
C GLU B 19 8.64 32.69 7.83
N LEU B 20 9.18 33.16 6.70
CA LEU B 20 9.14 32.35 5.49
C LEU B 20 9.96 31.08 5.66
N LEU B 21 11.11 31.18 6.33
CA LEU B 21 11.95 30.01 6.56
C LEU B 21 11.22 28.98 7.40
N GLU B 22 10.59 29.41 8.50
CA GLU B 22 9.84 28.49 9.34
C GLU B 22 8.68 27.86 8.56
N ARG B 23 7.97 28.66 7.76
CA ARG B 23 6.83 28.14 7.03
C ARG B 23 7.26 27.11 6.00
N VAL B 24 8.32 27.39 5.24
CA VAL B 24 8.75 26.45 4.21
C VAL B 24 9.32 25.20 4.85
N LYS B 25 9.99 25.33 6.00
CA LYS B 25 10.47 24.14 6.70
C LYS B 25 9.31 23.30 7.19
N ASN B 26 8.23 23.93 7.66
CA ASN B 26 7.06 23.16 8.07
C ASN B 26 6.43 22.44 6.88
N GLU B 27 6.37 23.11 5.72
CA GLU B 27 5.87 22.43 4.52
C GLU B 27 6.76 21.25 4.16
N MET B 28 8.07 21.40 4.30
CA MET B 28 8.98 20.29 4.03
C MET B 28 8.76 19.14 5.00
N LEU B 29 8.58 19.45 6.29
CA LEU B 29 8.30 18.44 7.29
C LEU B 29 7.03 17.68 6.95
N LEU B 30 5.98 18.39 6.54
CA LEU B 30 4.73 17.75 6.18
C LEU B 30 4.89 16.87 4.94
N LEU B 31 5.65 17.35 3.96
CA LEU B 31 5.92 16.53 2.77
C LEU B 31 6.65 15.26 3.14
N ALA B 32 7.58 15.35 4.10
CA ALA B 32 8.35 14.18 4.51
C ALA B 32 7.47 13.13 5.17
N VAL B 33 6.28 13.49 5.64
CA VAL B 33 5.43 12.53 6.34
C VAL B 33 4.84 11.51 5.36
N VAL B 34 4.50 11.95 4.16
CA VAL B 34 3.79 11.10 3.22
C VAL B 34 4.62 10.68 2.02
N ASP B 35 5.83 11.21 1.86
CA ASP B 35 6.75 10.80 0.79
C ASP B 35 8.03 10.30 1.45
N PRO B 36 8.01 9.08 1.99
CA PRO B 36 9.07 8.67 2.93
C PRO B 36 10.46 8.60 2.31
N ARG B 37 10.58 8.46 0.99
CA ARG B 37 11.90 8.45 0.39
C ARG B 37 12.62 9.79 0.50
N VAL B 38 11.96 10.80 1.08
CA VAL B 38 12.61 12.08 1.36
C VAL B 38 13.08 12.18 2.81
N LEU B 39 12.65 11.25 3.67
CA LEU B 39 12.94 11.37 5.09
C LEU B 39 14.45 11.43 5.35
N VAL B 40 15.17 10.41 4.87
CA VAL B 40 16.62 10.38 5.06
C VAL B 40 17.26 11.63 4.49
N GLU B 41 16.66 12.22 3.46
CA GLU B 41 17.13 13.51 2.98
C GLU B 41 16.89 14.61 4.01
N VAL B 42 15.62 14.80 4.39
CA VAL B 42 15.28 15.94 5.25
C VAL B 42 15.96 15.79 6.60
N LEU B 43 15.97 14.58 7.14
CA LEU B 43 16.69 14.31 8.37
C LEU B 43 18.13 14.81 8.25
N ASN B 44 18.80 14.46 7.14
CA ASN B 44 20.16 14.94 6.93
C ASN B 44 20.22 16.45 6.94
N THR B 45 19.29 17.11 6.24
CA THR B 45 19.27 18.57 6.23
C THR B 45 19.16 19.12 7.64
N ALA B 46 18.43 18.42 8.52
CA ALA B 46 18.32 18.88 9.90
C ALA B 46 19.69 18.92 10.58
N LYS B 47 20.54 17.93 10.30
CA LYS B 47 21.90 17.97 10.81
C LYS B 47 22.71 19.08 10.15
N GLU B 48 22.42 19.36 8.88
CA GLU B 48 23.19 20.36 8.15
C GLU B 48 23.02 21.75 8.75
N LEU B 49 21.77 22.17 8.97
CA LEU B 49 21.51 23.50 9.51
C LEU B 49 22.03 23.65 10.93
N GLY B 50 22.18 22.56 11.67
CA GLY B 50 22.49 22.64 13.09
C GLY B 50 21.28 22.77 13.99
N ASP B 51 20.09 22.49 13.47
CA ASP B 51 18.84 22.59 14.22
C ASP B 51 18.58 21.24 14.87
N GLU B 52 19.08 21.08 16.10
CA GLU B 52 18.79 19.86 16.85
C GLU B 52 17.29 19.68 17.07
N GLU B 53 16.53 20.78 17.12
CA GLU B 53 15.09 20.66 17.32
C GLU B 53 14.42 20.06 16.08
N MET B 54 14.81 20.51 14.88
CA MET B 54 14.30 19.88 13.67
C MET B 54 14.72 18.43 13.59
N TYR B 55 15.97 18.13 13.95
CA TYR B 55 16.44 16.75 13.97
C TYR B 55 15.57 15.90 14.88
N LYS B 56 15.28 16.38 16.08
CA LYS B 56 14.52 15.59 17.04
C LYS B 56 13.07 15.44 16.58
N LYS B 57 12.47 16.50 16.03
CA LYS B 57 11.10 16.39 15.55
C LYS B 57 10.99 15.43 14.37
N VAL B 58 11.99 15.44 13.48
CA VAL B 58 11.96 14.52 12.34
C VAL B 58 12.16 13.09 12.83
N LYS B 59 13.04 12.88 13.80
CA LYS B 59 13.17 11.55 14.40
C LYS B 59 11.83 11.11 14.96
N GLY B 60 11.13 11.99 15.67
CA GLY B 60 9.83 11.63 16.21
C GLY B 60 8.83 11.26 15.14
N ILE B 61 8.73 12.09 14.10
CA ILE B 61 7.78 11.83 13.02
C ILE B 61 8.07 10.49 12.36
N MET B 62 9.32 10.27 11.95
CA MET B 62 9.64 9.04 11.24
C MET B 62 9.56 7.83 12.15
N LEU B 63 9.70 8.01 13.46
CA LEU B 63 9.55 6.89 14.37
C LEU B 63 8.08 6.52 14.53
N ARG B 64 7.21 7.49 14.84
CA ARG B 64 5.80 7.15 15.03
C ARG B 64 5.11 6.86 13.71
N LEU B 65 5.73 7.17 12.58
CA LEU B 65 5.21 6.71 11.30
C LEU B 65 5.44 5.22 11.14
N ALA B 66 6.44 4.66 11.80
CA ALA B 66 6.76 3.25 11.62
C ALA B 66 5.63 2.36 12.10
N VAL B 67 4.94 2.74 13.17
CA VAL B 67 3.92 1.89 13.76
C VAL B 67 2.66 1.85 12.92
N VAL B 68 2.67 2.53 11.76
CA VAL B 68 1.54 2.47 10.84
C VAL B 68 2.01 2.15 9.43
N ASP B 69 3.30 1.84 9.26
CA ASP B 69 3.86 1.54 7.94
C ASP B 69 5.15 0.74 8.12
N PRO B 70 5.05 -0.59 8.13
CA PRO B 70 6.24 -1.41 8.42
C PRO B 70 7.43 -1.21 7.46
N ARG B 71 7.21 -0.66 6.26
CA ARG B 71 8.35 -0.32 5.42
C ARG B 71 9.22 0.74 6.10
N VAL B 72 8.58 1.77 6.65
CA VAL B 72 9.32 2.76 7.45
C VAL B 72 9.88 2.11 8.70
N LEU B 73 9.26 1.03 9.18
CA LEU B 73 9.84 0.32 10.32
C LEU B 73 11.19 -0.30 9.97
N VAL B 74 11.28 -0.95 8.82
CA VAL B 74 12.60 -1.45 8.41
C VAL B 74 13.55 -0.31 8.14
N LEU B 75 13.06 0.79 7.56
CA LEU B 75 13.92 1.94 7.32
C LEU B 75 14.56 2.44 8.61
N VAL B 76 13.74 2.73 9.62
CA VAL B 76 14.29 3.25 10.88
C VAL B 76 15.09 2.18 11.61
N LEU B 77 14.75 0.91 11.40
CA LEU B 77 15.52 -0.15 12.03
C LEU B 77 16.95 -0.18 11.50
N GLU B 78 17.12 0.03 10.20
CA GLU B 78 18.47 0.11 9.66
C GLU B 78 19.13 1.44 10.01
N LEU B 79 18.35 2.53 10.01
CA LEU B 79 18.90 3.84 10.29
C LEU B 79 19.42 3.94 11.72
N ALA B 80 18.82 3.21 12.66
CA ALA B 80 19.32 3.21 14.02
C ALA B 80 20.75 2.69 14.07
N GLU B 81 21.07 1.68 13.27
CA GLU B 81 22.43 1.18 13.21
C GLU B 81 23.32 2.13 12.42
N ALA B 82 22.79 2.73 11.35
CA ALA B 82 23.60 3.62 10.53
C ALA B 82 24.05 4.85 11.30
N LEU B 83 23.17 5.40 12.14
CA LEU B 83 23.55 6.54 12.98
C LEU B 83 24.33 6.08 14.20
N GLY B 84 23.85 5.04 14.87
CA GLY B 84 24.39 4.67 16.16
C GLY B 84 23.78 5.41 17.33
N ASP B 85 22.61 6.01 17.14
CA ASP B 85 21.96 6.76 18.19
C ASP B 85 21.33 5.80 19.20
N GLU B 86 21.58 6.05 20.48
CA GLU B 86 21.05 5.16 21.50
C GLU B 86 19.55 5.30 21.68
N GLU B 87 18.97 6.46 21.38
CA GLU B 87 17.52 6.59 21.45
C GLU B 87 16.83 5.84 20.33
N MET B 88 17.33 5.98 19.10
CA MET B 88 16.74 5.24 17.99
C MET B 88 16.89 3.74 18.21
N LYS B 89 18.09 3.29 18.57
CA LYS B 89 18.33 1.87 18.80
C LYS B 89 17.53 1.35 19.98
N GLU B 90 17.26 2.20 20.97
CA GLU B 90 16.48 1.77 22.13
C GLU B 90 15.00 1.70 21.81
N LYS B 91 14.48 2.71 21.13
CA LYS B 91 13.04 2.86 20.99
C LYS B 91 12.46 2.13 19.78
N VAL B 92 13.23 1.95 18.70
CA VAL B 92 12.72 1.15 17.59
C VAL B 92 12.63 -0.32 18.01
N LYS B 93 13.61 -0.79 18.78
CA LYS B 93 13.60 -2.15 19.31
C LYS B 93 12.64 -2.27 20.48
N ASN B 94 11.79 -1.27 20.67
CA ASN B 94 10.69 -1.39 21.63
C ASN B 94 9.36 -1.29 20.92
N ILE B 95 9.21 -0.30 20.04
CA ILE B 95 7.97 -0.22 19.27
C ILE B 95 7.81 -1.45 18.39
N MET B 96 8.92 -2.07 17.99
CA MET B 96 8.81 -3.33 17.26
C MET B 96 8.33 -4.47 18.18
N LEU B 97 8.98 -4.63 19.33
CA LEU B 97 8.58 -5.71 20.22
C LEU B 97 7.31 -5.44 20.94
N LEU B 98 6.64 -4.34 20.59
CA LEU B 98 5.28 -4.08 21.05
C LEU B 98 4.28 -4.19 19.92
N LEU B 99 4.63 -3.68 18.72
CA LEU B 99 3.80 -3.83 17.54
C LEU B 99 3.65 -5.29 17.14
N ALA B 100 4.64 -6.13 17.48
CA ALA B 100 4.54 -7.55 17.14
C ALA B 100 3.35 -8.22 17.82
N VAL B 101 2.97 -7.73 19.00
CA VAL B 101 1.91 -8.41 19.76
C VAL B 101 0.57 -8.32 19.04
N VAL B 102 0.35 -7.27 18.26
CA VAL B 102 -0.94 -7.06 17.60
C VAL B 102 -0.89 -7.26 16.09
N ASP B 103 0.28 -7.34 15.48
CA ASP B 103 0.40 -7.43 14.02
C ASP B 103 1.30 -8.61 13.68
N PRO B 104 0.75 -9.69 13.11
CA PRO B 104 1.51 -10.94 13.00
C PRO B 104 2.56 -10.98 11.90
N ARG B 105 2.58 -10.03 10.97
CA ARG B 105 3.65 -10.02 9.97
C ARG B 105 4.99 -9.67 10.62
N VAL B 106 4.97 -8.80 11.62
CA VAL B 106 6.18 -8.47 12.35
C VAL B 106 6.70 -9.66 13.13
N LEU B 107 5.82 -10.58 13.54
CA LEU B 107 6.24 -11.74 14.32
C LEU B 107 7.12 -12.70 13.53
N VAL B 108 7.32 -12.47 12.24
CA VAL B 108 8.33 -13.18 11.47
C VAL B 108 9.31 -12.20 10.84
N LEU B 109 9.29 -10.94 11.29
CA LEU B 109 10.38 -10.00 11.08
C LEU B 109 11.33 -9.99 12.26
N VAL B 110 10.77 -9.99 13.47
CA VAL B 110 11.57 -10.14 14.68
C VAL B 110 12.33 -11.46 14.66
N LEU B 111 11.64 -12.54 14.28
CA LEU B 111 12.24 -13.86 14.32
C LEU B 111 13.39 -14.01 13.32
N GLU B 112 13.48 -13.12 12.33
CA GLU B 112 14.66 -13.09 11.46
C GLU B 112 15.76 -12.20 12.02
N LEU B 113 15.40 -11.14 12.76
CA LEU B 113 16.40 -10.32 13.40
C LEU B 113 17.12 -11.11 14.49
N ALA B 114 16.39 -11.93 15.23
CA ALA B 114 16.98 -12.69 16.33
C ALA B 114 18.14 -13.58 15.87
N GLU B 115 18.32 -13.76 14.57
CA GLU B 115 19.46 -14.51 14.04
C GLU B 115 20.36 -13.68 13.14
N GLU B 116 19.80 -12.72 12.39
CA GLU B 116 20.63 -11.91 11.51
C GLU B 116 21.42 -10.87 12.30
N LEU B 117 20.79 -10.27 13.33
CA LEU B 117 21.55 -9.53 14.32
C LEU B 117 21.98 -10.41 15.48
N GLY B 118 21.25 -11.50 15.74
CA GLY B 118 21.69 -12.49 16.70
C GLY B 118 21.74 -12.00 18.13
N ASP B 119 20.95 -10.99 18.48
CA ASP B 119 21.01 -10.44 19.81
C ASP B 119 20.47 -11.45 20.82
N GLU B 120 21.24 -11.67 21.89
CA GLU B 120 20.76 -12.58 22.94
C GLU B 120 19.53 -12.02 23.65
N GLU B 121 19.57 -10.72 23.99
CA GLU B 121 18.44 -10.12 24.67
C GLU B 121 17.19 -10.15 23.81
N MET B 122 17.34 -9.96 22.50
CA MET B 122 16.21 -10.02 21.59
C MET B 122 15.50 -11.37 21.70
N LYS B 123 16.25 -12.46 21.52
CA LYS B 123 15.63 -13.78 21.56
C LYS B 123 15.07 -14.10 22.94
N LYS B 124 15.78 -13.72 23.99
CA LYS B 124 15.30 -14.04 25.34
C LYS B 124 14.05 -13.27 25.69
N GLU B 125 13.87 -12.07 25.12
CA GLU B 125 12.64 -11.33 25.32
C GLU B 125 11.52 -11.89 24.44
N VAL B 126 11.84 -12.24 23.19
CA VAL B 126 10.84 -12.65 22.21
C VAL B 126 10.25 -14.01 22.55
N GLU B 127 11.02 -14.86 23.23
CA GLU B 127 10.47 -16.12 23.71
C GLU B 127 9.22 -15.89 24.54
N GLU B 128 9.22 -14.84 25.37
CA GLU B 128 8.04 -14.54 26.18
C GLU B 128 6.86 -14.12 25.33
N ILE B 129 7.10 -13.29 24.31
CA ILE B 129 6.02 -12.89 23.40
C ILE B 129 5.39 -14.11 22.77
N LEU B 130 6.22 -15.01 22.23
CA LEU B 130 5.70 -16.19 21.55
C LEU B 130 4.93 -17.08 22.52
N ASP B 131 5.48 -17.32 23.71
CA ASP B 131 4.82 -18.21 24.64
C ASP B 131 3.52 -17.61 25.19
N LYS B 132 3.42 -16.29 25.24
CA LYS B 132 2.17 -15.68 25.69
C LYS B 132 1.12 -15.69 24.58
N LEU B 133 1.51 -15.41 23.34
CA LEU B 133 0.54 -15.42 22.25
C LEU B 133 0.06 -16.83 21.95
N ALA B 134 0.96 -17.81 21.99
CA ALA B 134 0.68 -19.13 21.42
C ALA B 134 -0.42 -19.87 22.18
N GLU B 135 -0.70 -19.50 23.42
CA GLU B 135 -1.75 -20.18 24.17
C GLU B 135 -3.12 -19.54 23.99
N VAL B 136 -3.20 -18.38 23.33
CA VAL B 136 -4.47 -17.68 23.18
C VAL B 136 -4.70 -17.28 21.72
N ASP B 137 -3.92 -17.84 20.81
CA ASP B 137 -4.07 -17.58 19.38
C ASP B 137 -3.60 -18.82 18.64
N PRO B 138 -4.51 -19.65 18.15
CA PRO B 138 -4.13 -20.99 17.67
C PRO B 138 -3.13 -20.99 16.53
N ARG B 139 -3.20 -20.02 15.63
CA ARG B 139 -2.24 -19.98 14.52
C ARG B 139 -0.81 -19.84 15.04
N VAL B 140 -0.63 -19.06 16.10
CA VAL B 140 0.71 -18.87 16.67
C VAL B 140 1.24 -20.18 17.23
N ALA B 141 0.36 -21.10 17.62
CA ALA B 141 0.84 -22.41 18.06
C ALA B 141 1.56 -23.12 16.92
N VAL B 142 0.98 -23.11 15.73
CA VAL B 142 1.66 -23.70 14.58
C VAL B 142 2.89 -22.90 14.22
N LEU B 143 2.82 -21.58 14.35
CA LEU B 143 3.99 -20.75 14.06
C LEU B 143 5.16 -21.10 14.97
N LYS B 144 4.87 -21.45 16.22
CA LYS B 144 5.93 -21.89 17.13
C LYS B 144 6.36 -23.32 16.83
N GLU B 145 5.44 -24.16 16.36
CA GLU B 145 5.81 -25.52 16.00
C GLU B 145 6.77 -25.54 14.81
N VAL B 146 6.58 -24.63 13.85
CA VAL B 146 7.41 -24.64 12.65
C VAL B 146 8.76 -23.99 12.90
N ALA B 147 8.81 -22.94 13.72
CA ALA B 147 10.04 -22.19 13.92
C ALA B 147 10.92 -22.85 14.97
N LYS B 148 10.66 -24.13 15.27
CA LYS B 148 11.51 -24.90 16.17
C LYS B 148 11.99 -26.16 15.49
N VAL C 2 0.77 19.33 -10.75
CA VAL C 2 0.26 20.31 -9.82
C VAL C 2 0.61 21.72 -10.29
N GLU C 3 1.85 21.88 -10.77
CA GLU C 3 2.29 23.18 -11.27
C GLU C 3 1.45 23.64 -12.46
N GLU C 4 1.10 22.71 -13.35
CA GLU C 4 0.24 23.07 -14.48
C GLU C 4 -1.15 23.45 -14.00
N LEU C 5 -1.68 22.71 -13.02
CA LEU C 5 -2.98 23.04 -12.47
C LEU C 5 -2.96 24.36 -11.71
N LYS C 6 -1.87 24.61 -10.98
CA LYS C 6 -1.71 25.90 -10.30
C LYS C 6 -1.70 27.05 -11.31
N ARG C 7 -0.93 26.89 -12.38
CA ARG C 7 -0.86 27.94 -13.41
C ARG C 7 -2.21 28.14 -14.09
N LYS C 8 -2.92 27.05 -14.37
CA LYS C 8 -4.24 27.17 -14.97
C LYS C 8 -5.22 27.87 -14.05
N LEU C 9 -5.19 27.54 -12.76
CA LEU C 9 -6.06 28.23 -11.81
C LEU C 9 -5.73 29.72 -11.75
N ARG C 10 -4.43 30.06 -11.74
CA ARG C 10 -4.05 31.47 -11.73
C ARG C 10 -4.55 32.19 -12.96
N GLN C 11 -4.33 31.60 -14.14
CA GLN C 11 -4.76 32.25 -15.38
C GLN C 11 -6.28 32.32 -15.48
N ALA C 12 -6.99 31.38 -14.86
CA ALA C 12 -8.45 31.43 -14.84
C ALA C 12 -8.93 32.54 -13.91
N LYS C 13 -8.22 32.76 -12.81
CA LYS C 13 -8.68 33.75 -11.83
C LYS C 13 -8.67 35.16 -12.39
N GLU C 14 -7.72 35.49 -13.27
CA GLU C 14 -7.62 36.85 -13.78
C GLU C 14 -8.71 37.20 -14.79
N ASP C 15 -9.48 36.22 -15.27
CA ASP C 15 -10.49 36.49 -16.28
C ASP C 15 -11.84 35.85 -15.99
N GLY C 16 -12.08 35.38 -14.77
CA GLY C 16 -13.40 34.85 -14.47
C GLY C 16 -13.60 33.44 -14.99
N ASP C 17 -14.72 33.24 -15.69
CA ASP C 17 -15.09 31.94 -16.24
C ASP C 17 -15.29 30.92 -15.13
N GLU C 18 -16.29 31.15 -14.28
CA GLU C 18 -16.50 30.30 -13.10
C GLU C 18 -16.60 28.82 -13.46
N GLU C 19 -17.00 28.50 -14.70
CA GLU C 19 -16.98 27.11 -15.12
C GLU C 19 -15.55 26.58 -15.22
N LEU C 20 -14.65 27.38 -15.81
CA LEU C 20 -13.24 26.99 -15.83
C LEU C 20 -12.68 26.88 -14.42
N LEU C 21 -13.05 27.81 -13.53
CA LEU C 21 -12.59 27.75 -12.15
C LEU C 21 -13.08 26.46 -11.48
N GLU C 22 -14.35 26.13 -11.65
CA GLU C 22 -14.88 24.89 -11.09
C GLU C 22 -14.14 23.68 -11.65
N ARG C 23 -13.90 23.65 -12.95
CA ARG C 23 -13.24 22.49 -13.56
C ARG C 23 -11.83 22.31 -13.02
N VAL C 24 -11.02 23.37 -13.05
CA VAL C 24 -9.64 23.25 -12.60
C VAL C 24 -9.58 22.95 -11.11
N LYS C 25 -10.40 23.63 -10.31
CA LYS C 25 -10.41 23.37 -8.87
C LYS C 25 -10.82 21.94 -8.57
N ASN C 26 -11.82 21.43 -9.29
CA ASN C 26 -12.26 20.06 -9.05
C ASN C 26 -11.18 19.06 -9.43
N GLU C 27 -10.47 19.31 -10.52
CA GLU C 27 -9.37 18.41 -10.88
C GLU C 27 -8.27 18.46 -9.84
N MET C 28 -7.99 19.65 -9.30
CA MET C 28 -7.02 19.75 -8.21
C MET C 28 -7.47 18.96 -6.99
N LEU C 29 -8.75 19.10 -6.62
CA LEU C 29 -9.30 18.37 -5.48
C LEU C 29 -9.15 16.87 -5.68
N LEU C 30 -9.53 16.36 -6.85
CA LEU C 30 -9.48 14.93 -7.07
C LEU C 30 -8.04 14.42 -7.13
N LEU C 31 -7.14 15.17 -7.77
CA LEU C 31 -5.74 14.79 -7.74
C LEU C 31 -5.22 14.73 -6.31
N ALA C 32 -5.72 15.62 -5.45
CA ALA C 32 -5.31 15.58 -4.04
C ALA C 32 -5.81 14.33 -3.32
N VAL C 33 -6.84 13.67 -3.84
CA VAL C 33 -7.38 12.51 -3.14
C VAL C 33 -6.49 11.29 -3.33
N VAL C 34 -5.84 11.17 -4.49
CA VAL C 34 -5.11 9.97 -4.83
C VAL C 34 -3.61 10.14 -4.74
N ASP C 35 -3.11 11.37 -4.63
CA ASP C 35 -1.68 11.62 -4.48
C ASP C 35 -1.47 12.43 -3.21
N PRO C 36 -1.22 11.77 -2.07
CA PRO C 36 -1.26 12.48 -0.79
C PRO C 36 -0.24 13.60 -0.66
N ARG C 37 0.89 13.53 -1.37
CA ARG C 37 1.87 14.61 -1.28
C ARG C 37 1.34 15.92 -1.86
N VAL C 38 0.22 15.87 -2.58
CA VAL C 38 -0.44 17.07 -3.07
C VAL C 38 -1.36 17.69 -2.02
N LEU C 39 -1.77 16.90 -1.01
CA LEU C 39 -2.72 17.37 -0.01
C LEU C 39 -2.27 18.65 0.65
N VAL C 40 -1.01 18.69 1.11
CA VAL C 40 -0.52 19.89 1.78
C VAL C 40 -0.50 21.08 0.82
N GLU C 41 -0.28 20.83 -0.47
CA GLU C 41 -0.24 21.92 -1.44
C GLU C 41 -1.62 22.50 -1.68
N VAL C 42 -2.55 21.67 -2.16
CA VAL C 42 -3.90 22.16 -2.48
C VAL C 42 -4.54 22.77 -1.25
N LEU C 43 -4.20 22.27 -0.06
CA LEU C 43 -4.70 22.86 1.17
C LEU C 43 -4.30 24.33 1.29
N ASN C 44 -3.01 24.63 1.09
CA ASN C 44 -2.58 26.01 1.30
C ASN C 44 -2.91 26.91 0.12
N THR C 45 -2.86 26.36 -1.10
CA THR C 45 -3.29 27.15 -2.26
C THR C 45 -4.71 27.64 -2.08
N ALA C 46 -5.57 26.79 -1.52
CA ALA C 46 -6.94 27.21 -1.19
C ALA C 46 -6.94 28.38 -0.22
N LYS C 47 -6.06 28.33 0.79
CA LYS C 47 -6.06 29.38 1.80
C LYS C 47 -5.60 30.71 1.22
N GLU C 48 -4.51 30.71 0.46
CA GLU C 48 -4.02 31.94 -0.12
C GLU C 48 -5.00 32.49 -1.16
N LEU C 49 -5.67 31.62 -1.90
CA LEU C 49 -6.64 32.07 -2.90
C LEU C 49 -7.81 32.82 -2.26
N GLY C 50 -8.10 32.55 -0.99
CA GLY C 50 -9.14 33.26 -0.28
C GLY C 50 -10.54 32.71 -0.48
N ASP C 51 -10.71 31.40 -0.34
CA ASP C 51 -12.02 30.75 -0.40
C ASP C 51 -12.13 29.77 0.75
N GLU C 52 -12.95 30.11 1.75
CA GLU C 52 -13.16 29.21 2.88
C GLU C 52 -13.82 27.90 2.46
N GLU C 53 -14.54 27.87 1.35
CA GLU C 53 -15.30 26.68 0.98
C GLU C 53 -14.41 25.59 0.42
N MET C 54 -13.50 25.93 -0.50
CA MET C 54 -12.55 24.93 -0.99
C MET C 54 -11.64 24.45 0.13
N TYR C 55 -11.20 25.38 0.98
CA TYR C 55 -10.37 25.01 2.12
C TYR C 55 -11.10 24.02 3.03
N LYS C 56 -12.37 24.29 3.36
CA LYS C 56 -13.09 23.39 4.24
C LYS C 56 -13.41 22.06 3.55
N LYS C 57 -13.66 22.07 2.24
CA LYS C 57 -13.86 20.82 1.53
C LYS C 57 -12.60 19.98 1.53
N VAL C 58 -11.43 20.60 1.37
CA VAL C 58 -10.18 19.85 1.42
C VAL C 58 -9.94 19.31 2.84
N LYS C 59 -10.25 20.12 3.86
CA LYS C 59 -10.14 19.63 5.23
C LYS C 59 -11.05 18.43 5.44
N GLY C 60 -12.21 18.42 4.80
CA GLY C 60 -13.09 17.27 4.84
C GLY C 60 -12.52 16.05 4.14
N ILE C 61 -12.10 16.25 2.89
CA ILE C 61 -11.60 15.17 2.05
C ILE C 61 -10.43 14.47 2.74
N MET C 62 -9.41 15.23 3.15
CA MET C 62 -8.26 14.58 3.76
C MET C 62 -8.60 13.94 5.10
N LEU C 63 -9.51 14.55 5.86
CA LEU C 63 -9.86 13.97 7.14
C LEU C 63 -10.56 12.63 6.98
N ARG C 64 -11.51 12.53 6.04
CA ARG C 64 -12.16 11.24 5.85
C ARG C 64 -11.33 10.30 5.01
N LEU C 65 -10.30 10.79 4.33
CA LEU C 65 -9.31 9.90 3.72
C LEU C 65 -8.42 9.28 4.78
N ALA C 66 -8.26 9.96 5.91
CA ALA C 66 -7.43 9.41 6.98
C ALA C 66 -7.95 8.08 7.48
N VAL C 67 -9.27 7.92 7.59
CA VAL C 67 -9.85 6.73 8.19
C VAL C 67 -9.79 5.54 7.23
N VAL C 68 -9.23 5.75 6.03
CA VAL C 68 -9.04 4.67 5.08
C VAL C 68 -7.60 4.55 4.59
N ASP C 69 -6.67 5.29 5.18
CA ASP C 69 -5.26 5.19 4.79
C ASP C 69 -4.40 5.70 5.93
N PRO C 70 -4.03 4.84 6.89
CA PRO C 70 -3.35 5.32 8.11
C PRO C 70 -2.01 6.00 7.88
N ARG C 71 -1.51 6.10 6.65
CA ARG C 71 -0.35 6.95 6.41
C ARG C 71 -0.72 8.42 6.44
N VAL C 72 -1.89 8.77 5.90
CA VAL C 72 -2.39 10.12 5.96
C VAL C 72 -2.83 10.50 7.36
N LEU C 73 -3.01 9.52 8.24
CA LEU C 73 -3.40 9.84 9.61
C LEU C 73 -2.29 10.60 10.33
N VAL C 74 -1.03 10.21 10.13
CA VAL C 74 0.07 10.97 10.71
C VAL C 74 0.15 12.35 10.06
N LEU C 75 -0.08 12.42 8.75
CA LEU C 75 -0.06 13.71 8.07
C LEU C 75 -1.05 14.68 8.69
N VAL C 76 -2.31 14.25 8.84
CA VAL C 76 -3.31 15.17 9.37
C VAL C 76 -3.08 15.42 10.85
N LEU C 77 -2.55 14.43 11.58
CA LEU C 77 -2.32 14.62 13.01
C LEU C 77 -1.24 15.66 13.25
N GLU C 78 -0.21 15.70 12.39
CA GLU C 78 0.80 16.74 12.52
C GLU C 78 0.32 18.07 11.96
N LEU C 79 -0.40 18.03 10.83
CA LEU C 79 -0.90 19.25 10.22
C LEU C 79 -1.88 19.98 11.14
N ALA C 80 -2.57 19.23 12.02
CA ALA C 80 -3.43 19.88 13.01
C ALA C 80 -2.63 20.83 13.89
N GLU C 81 -1.46 20.40 14.35
CA GLU C 81 -0.63 21.28 15.17
C GLU C 81 0.08 22.34 14.34
N ALA C 82 0.47 21.99 13.10
CA ALA C 82 1.12 22.98 12.26
C ALA C 82 0.17 24.12 11.90
N LEU C 83 -1.12 23.84 11.78
CA LEU C 83 -2.12 24.87 11.58
C LEU C 83 -2.55 25.50 12.89
N GLY C 84 -2.76 24.68 13.92
CA GLY C 84 -3.36 25.16 15.15
C GLY C 84 -4.86 25.29 15.08
N ASP C 85 -5.51 24.53 14.20
CA ASP C 85 -6.95 24.63 13.99
C ASP C 85 -7.69 23.77 14.99
N GLU C 86 -8.56 24.39 15.78
CA GLU C 86 -9.32 23.64 16.78
C GLU C 86 -10.31 22.66 16.16
N GLU C 87 -10.58 22.79 14.86
CA GLU C 87 -11.36 21.77 14.17
C GLU C 87 -10.54 20.50 13.96
N MET C 88 -9.38 20.62 13.31
CA MET C 88 -8.53 19.45 13.09
C MET C 88 -8.10 18.81 14.39
N LYS C 89 -7.60 19.62 15.34
CA LYS C 89 -7.06 19.07 16.57
C LYS C 89 -8.10 18.36 17.43
N GLU C 90 -9.39 18.59 17.17
CA GLU C 90 -10.40 17.82 17.90
C GLU C 90 -10.86 16.61 17.10
N LYS C 91 -11.21 16.82 15.82
CA LYS C 91 -11.80 15.74 15.05
C LYS C 91 -10.80 14.64 14.73
N VAL C 92 -9.52 14.98 14.53
CA VAL C 92 -8.53 13.93 14.31
C VAL C 92 -8.25 13.17 15.59
N LYS C 93 -8.14 13.89 16.72
CA LYS C 93 -7.96 13.24 18.02
C LYS C 93 -9.19 12.44 18.42
N ASN C 94 -10.28 12.59 17.68
CA ASN C 94 -11.44 11.73 17.88
C ASN C 94 -11.45 10.53 16.95
N ILE C 95 -11.18 10.73 15.66
CA ILE C 95 -11.17 9.59 14.75
C ILE C 95 -10.06 8.62 15.11
N MET C 96 -8.97 9.09 15.72
CA MET C 96 -7.99 8.13 16.22
C MET C 96 -8.56 7.31 17.37
N LEU C 97 -9.23 7.97 18.32
CA LEU C 97 -9.69 7.28 19.52
C LEU C 97 -11.03 6.62 19.24
N LEU C 98 -11.36 6.51 17.96
CA LEU C 98 -12.47 5.67 17.52
C LEU C 98 -11.96 4.54 16.63
N LEU C 99 -11.08 4.90 15.68
CA LEU C 99 -10.50 3.93 14.75
C LEU C 99 -9.59 2.93 15.46
N ALA C 100 -8.99 3.32 16.58
CA ALA C 100 -8.18 2.37 17.33
C ALA C 100 -9.01 1.20 17.84
N VAL C 101 -10.30 1.43 18.09
CA VAL C 101 -11.13 0.39 18.68
C VAL C 101 -11.21 -0.83 17.77
N VAL C 102 -11.15 -0.64 16.45
CA VAL C 102 -11.34 -1.74 15.52
C VAL C 102 -10.11 -2.04 14.67
N ASP C 103 -9.08 -1.20 14.73
CA ASP C 103 -7.83 -1.42 14.02
C ASP C 103 -6.69 -1.44 15.03
N PRO C 104 -5.93 -2.54 15.14
CA PRO C 104 -4.96 -2.66 16.24
C PRO C 104 -3.55 -2.17 15.97
N ARG C 105 -3.21 -1.76 14.75
CA ARG C 105 -1.93 -1.09 14.53
C ARG C 105 -1.98 0.35 15.03
N VAL C 106 -3.14 0.99 14.89
CA VAL C 106 -3.32 2.31 15.49
C VAL C 106 -3.30 2.22 17.00
N LEU C 107 -3.69 1.07 17.56
CA LEU C 107 -3.73 0.91 19.02
C LEU C 107 -2.35 0.98 19.65
N VAL C 108 -1.28 0.97 18.85
CA VAL C 108 0.04 1.28 19.35
C VAL C 108 0.64 2.50 18.66
N LEU C 109 -0.16 3.22 17.88
CA LEU C 109 0.19 4.58 17.48
C LEU C 109 -0.27 5.58 18.53
N VAL C 110 -1.51 5.43 18.99
CA VAL C 110 -2.01 6.31 20.03
C VAL C 110 -1.21 6.14 21.31
N LEU C 111 -0.79 4.91 21.60
CA LEU C 111 0.01 4.67 22.80
C LEU C 111 1.38 5.32 22.73
N GLU C 112 1.84 5.70 21.54
CA GLU C 112 3.06 6.49 21.42
C GLU C 112 2.78 7.98 21.63
N LEU C 113 1.61 8.46 21.19
CA LEU C 113 1.22 9.83 21.48
C LEU C 113 1.02 10.03 22.97
N ALA C 114 0.50 9.02 23.67
CA ALA C 114 0.23 9.13 25.09
C ALA C 114 1.49 9.31 25.91
N GLU C 115 2.65 9.30 25.27
CA GLU C 115 3.89 9.62 25.95
C GLU C 115 4.67 10.73 25.25
N GLU C 116 4.63 10.80 23.92
CA GLU C 116 5.34 11.86 23.20
C GLU C 116 4.61 13.19 23.29
N LEU C 117 3.29 13.18 23.48
CA LEU C 117 2.55 14.35 23.90
C LEU C 117 2.17 14.30 25.37
N GLY C 118 1.89 13.10 25.89
CA GLY C 118 1.69 12.93 27.31
C GLY C 118 0.43 13.57 27.86
N ASP C 119 -0.57 13.78 27.02
CA ASP C 119 -1.81 14.40 27.47
C ASP C 119 -2.51 13.51 28.48
N GLU C 120 -3.13 14.13 29.49
CA GLU C 120 -3.91 13.37 30.45
C GLU C 120 -5.16 12.79 29.80
N GLU C 121 -5.82 13.59 28.96
CA GLU C 121 -6.99 13.10 28.22
C GLU C 121 -6.64 11.86 27.41
N MET C 122 -5.51 11.90 26.70
CA MET C 122 -5.12 10.78 25.86
C MET C 122 -4.89 9.53 26.70
N LYS C 123 -4.10 9.64 27.78
CA LYS C 123 -3.79 8.48 28.60
C LYS C 123 -5.05 7.90 29.23
N LYS C 124 -5.94 8.76 29.72
CA LYS C 124 -7.16 8.27 30.36
C LYS C 124 -8.05 7.54 29.36
N GLU C 125 -8.29 8.18 28.20
CA GLU C 125 -9.09 7.54 27.17
C GLU C 125 -8.48 6.22 26.70
N VAL C 126 -7.16 6.17 26.58
CA VAL C 126 -6.50 4.96 26.11
C VAL C 126 -6.63 3.85 27.14
N GLU C 127 -6.51 4.19 28.43
CA GLU C 127 -6.72 3.19 29.46
C GLU C 127 -8.14 2.64 29.39
N GLU C 128 -9.12 3.51 29.13
CA GLU C 128 -10.48 3.02 28.97
C GLU C 128 -10.63 2.09 27.77
N ILE C 129 -10.04 2.48 26.63
CA ILE C 129 -10.12 1.64 25.43
C ILE C 129 -9.52 0.27 25.70
N LEU C 130 -8.33 0.23 26.31
CA LEU C 130 -7.68 -1.04 26.55
C LEU C 130 -8.48 -1.90 27.53
N ASP C 131 -9.02 -1.28 28.58
CA ASP C 131 -9.81 -2.05 29.54
C ASP C 131 -11.06 -2.62 28.91
N LYS C 132 -11.66 -1.90 27.96
CA LYS C 132 -12.84 -2.45 27.29
C LYS C 132 -12.47 -3.56 26.32
N LEU C 133 -11.41 -3.38 25.54
CA LEU C 133 -11.03 -4.38 24.55
C LEU C 133 -10.54 -5.67 25.20
N ALA C 134 -9.81 -5.55 26.32
CA ALA C 134 -9.08 -6.69 26.86
C ALA C 134 -10.01 -7.83 27.28
N GLU C 135 -11.25 -7.52 27.66
CA GLU C 135 -12.16 -8.58 28.09
C GLU C 135 -12.87 -9.26 26.93
N VAL C 136 -12.71 -8.77 25.70
CA VAL C 136 -13.38 -9.35 24.54
C VAL C 136 -12.41 -9.68 23.41
N ASP C 137 -11.14 -9.32 23.54
CA ASP C 137 -10.11 -9.70 22.56
C ASP C 137 -8.91 -10.21 23.34
N PRO C 138 -8.76 -11.53 23.49
CA PRO C 138 -7.71 -12.06 24.38
C PRO C 138 -6.31 -11.65 23.99
N ARG C 139 -6.03 -11.50 22.69
CA ARG C 139 -4.69 -11.14 22.26
C ARG C 139 -4.25 -9.82 22.88
N VAL C 140 -5.14 -8.83 22.88
CA VAL C 140 -4.82 -7.53 23.46
C VAL C 140 -4.51 -7.63 24.94
N ALA C 141 -4.99 -8.69 25.60
CA ALA C 141 -4.62 -8.88 27.00
C ALA C 141 -3.10 -8.96 27.15
N VAL C 142 -2.45 -9.71 26.26
CA VAL C 142 -0.99 -9.78 26.33
C VAL C 142 -0.38 -8.41 26.10
N LEU C 143 -0.98 -7.61 25.23
CA LEU C 143 -0.53 -6.23 25.05
C LEU C 143 -0.58 -5.48 26.37
N LYS C 144 -1.67 -5.62 27.12
CA LYS C 144 -1.77 -4.93 28.40
C LYS C 144 -0.67 -5.40 29.34
N GLU C 145 -0.19 -6.63 29.14
CA GLU C 145 0.91 -7.13 29.96
C GLU C 145 2.25 -6.58 29.47
N VAL C 146 2.40 -6.38 28.17
CA VAL C 146 3.70 -5.98 27.63
C VAL C 146 3.93 -4.48 27.80
N ALA C 147 2.86 -3.68 27.71
CA ALA C 147 3.00 -2.24 27.77
C ALA C 147 3.21 -1.75 29.20
N LYS C 148 3.46 -2.68 30.12
CA LYS C 148 3.77 -2.33 31.50
C LYS C 148 5.19 -1.78 31.62
N VAL D 2 18.75 7.45 -7.99
CA VAL D 2 19.78 6.43 -7.76
C VAL D 2 20.93 6.60 -8.74
N GLU D 3 20.60 7.03 -9.96
CA GLU D 3 21.64 7.23 -10.98
C GLU D 3 22.58 8.37 -10.59
N GLU D 4 22.05 9.42 -9.95
CA GLU D 4 22.91 10.49 -9.46
C GLU D 4 23.82 10.01 -8.34
N LEU D 5 23.25 9.26 -7.39
CA LEU D 5 24.06 8.71 -6.30
C LEU D 5 25.02 7.66 -6.84
N LYS D 6 24.60 6.88 -7.84
CA LYS D 6 25.50 5.94 -8.50
C LYS D 6 26.70 6.68 -9.10
N ARG D 7 26.44 7.76 -9.83
CA ARG D 7 27.52 8.53 -10.44
C ARG D 7 28.46 9.11 -9.37
N LYS D 8 27.89 9.70 -8.32
CA LYS D 8 28.72 10.24 -7.24
C LYS D 8 29.59 9.16 -6.61
N LEU D 9 29.01 7.99 -6.33
CA LEU D 9 29.75 6.90 -5.72
C LEU D 9 30.86 6.41 -6.65
N ARG D 10 30.54 6.21 -7.93
CA ARG D 10 31.54 5.74 -8.87
C ARG D 10 32.67 6.74 -9.04
N GLN D 11 32.37 8.03 -8.92
CA GLN D 11 33.44 9.03 -8.94
C GLN D 11 34.28 8.96 -7.67
N ALA D 12 33.64 8.85 -6.51
CA ALA D 12 34.36 8.77 -5.24
C ALA D 12 35.28 7.56 -5.20
N LYS D 13 34.84 6.45 -5.82
CA LYS D 13 35.67 5.24 -5.86
C LYS D 13 37.02 5.47 -6.53
N GLU D 14 37.13 6.45 -7.42
CA GLU D 14 38.35 6.70 -8.15
C GLU D 14 39.19 7.85 -7.59
N ASP D 15 38.68 8.59 -6.60
CA ASP D 15 39.45 9.65 -5.99
C ASP D 15 39.66 9.49 -4.49
N GLY D 16 39.35 8.32 -3.93
CA GLY D 16 39.57 8.11 -2.51
C GLY D 16 38.47 8.69 -1.65
N ASP D 17 38.88 9.14 -0.45
CA ASP D 17 37.97 9.71 0.53
C ASP D 17 36.91 8.67 0.93
N GLU D 18 37.37 7.61 1.61
CA GLU D 18 36.48 6.54 2.03
C GLU D 18 35.30 7.04 2.85
N GLU D 19 35.42 8.22 3.46
CA GLU D 19 34.27 8.78 4.17
C GLU D 19 33.18 9.25 3.21
N LEU D 20 33.56 9.89 2.10
CA LEU D 20 32.59 10.21 1.07
C LEU D 20 31.93 8.94 0.53
N LEU D 21 32.72 7.88 0.36
CA LEU D 21 32.18 6.61 -0.11
C LEU D 21 31.19 6.03 0.88
N GLU D 22 31.54 6.02 2.15
CA GLU D 22 30.61 5.57 3.19
C GLU D 22 29.32 6.37 3.15
N ARG D 23 29.43 7.69 2.99
CA ARG D 23 28.25 8.55 2.99
C ARG D 23 27.33 8.23 1.81
N VAL D 24 27.88 8.21 0.59
CA VAL D 24 27.04 7.94 -0.57
C VAL D 24 26.49 6.51 -0.50
N LYS D 25 27.29 5.57 0.03
CA LYS D 25 26.82 4.20 0.16
C LYS D 25 25.61 4.11 1.07
N ASN D 26 25.69 4.74 2.24
CA ASN D 26 24.55 4.70 3.15
C ASN D 26 23.35 5.45 2.57
N GLU D 27 23.60 6.52 1.80
CA GLU D 27 22.50 7.18 1.10
C GLU D 27 21.79 6.20 0.18
N MET D 28 22.54 5.50 -0.65
CA MET D 28 21.93 4.54 -1.58
C MET D 28 21.23 3.42 -0.84
N LEU D 29 21.86 2.89 0.21
CA LEU D 29 21.27 1.79 0.97
C LEU D 29 19.94 2.20 1.58
N LEU D 30 19.89 3.38 2.20
CA LEU D 30 18.66 3.81 2.86
C LEU D 30 17.59 4.17 1.85
N LEU D 31 17.97 4.78 0.73
CA LEU D 31 17.00 5.02 -0.33
C LEU D 31 16.43 3.70 -0.84
N ALA D 32 17.26 2.66 -0.90
CA ALA D 32 16.79 1.37 -1.40
C ALA D 32 15.75 0.73 -0.49
N VAL D 33 15.87 0.93 0.82
CA VAL D 33 14.94 0.27 1.75
C VAL D 33 13.54 0.85 1.60
N VAL D 34 13.42 2.11 1.21
CA VAL D 34 12.17 2.84 1.26
C VAL D 34 11.60 3.07 -0.14
N ASP D 35 12.17 2.45 -1.15
CA ASP D 35 11.68 2.58 -2.52
C ASP D 35 12.12 1.35 -3.30
N PRO D 36 11.32 0.29 -3.31
CA PRO D 36 11.83 -1.04 -3.70
C PRO D 36 12.34 -1.13 -5.12
N ARG D 37 11.88 -0.31 -6.06
CA ARG D 37 12.36 -0.46 -7.43
C ARG D 37 13.81 -0.05 -7.58
N VAL D 38 14.43 0.50 -6.55
CA VAL D 38 15.87 0.76 -6.57
C VAL D 38 16.67 -0.47 -6.17
N LEU D 39 16.05 -1.42 -5.47
CA LEU D 39 16.79 -2.56 -4.92
C LEU D 39 17.62 -3.26 -5.98
N VAL D 40 16.95 -3.77 -7.03
CA VAL D 40 17.65 -4.51 -8.06
C VAL D 40 18.78 -3.69 -8.67
N GLU D 41 18.65 -2.36 -8.64
CA GLU D 41 19.75 -1.51 -9.08
C GLU D 41 20.90 -1.53 -8.08
N VAL D 42 20.62 -1.15 -6.83
CA VAL D 42 21.71 -1.03 -5.84
C VAL D 42 22.40 -2.37 -5.67
N LEU D 43 21.66 -3.47 -5.83
CA LEU D 43 22.28 -4.79 -5.79
C LEU D 43 23.33 -4.93 -6.88
N ASN D 44 22.95 -4.72 -8.14
CA ASN D 44 23.84 -5.05 -9.25
C ASN D 44 25.08 -4.17 -9.23
N THR D 45 24.91 -2.87 -8.95
CA THR D 45 26.06 -1.99 -8.82
C THR D 45 27.00 -2.51 -7.75
N ALA D 46 26.45 -2.96 -6.61
CA ALA D 46 27.29 -3.53 -5.56
C ALA D 46 28.13 -4.68 -6.09
N LYS D 47 27.55 -5.50 -6.97
CA LYS D 47 28.32 -6.59 -7.56
C LYS D 47 29.36 -6.06 -8.53
N GLU D 48 29.02 -5.03 -9.30
CA GLU D 48 29.94 -4.55 -10.33
C GLU D 48 31.19 -3.94 -9.72
N LEU D 49 31.04 -3.21 -8.61
CA LEU D 49 32.18 -2.56 -7.98
C LEU D 49 33.22 -3.53 -7.46
N GLY D 50 32.87 -4.81 -7.32
CA GLY D 50 33.77 -5.76 -6.72
C GLY D 50 33.83 -5.69 -5.21
N ASP D 51 32.67 -5.55 -4.56
CA ASP D 51 32.58 -5.47 -3.09
C ASP D 51 31.51 -6.46 -2.67
N GLU D 52 31.94 -7.68 -2.34
CA GLU D 52 30.99 -8.69 -1.86
C GLU D 52 30.23 -8.23 -0.63
N GLU D 53 30.81 -7.30 0.14
CA GLU D 53 30.20 -6.93 1.42
C GLU D 53 28.97 -6.06 1.24
N MET D 54 29.03 -5.05 0.36
CA MET D 54 27.84 -4.25 0.08
C MET D 54 26.74 -5.11 -0.54
N TYR D 55 27.11 -6.01 -1.45
CA TYR D 55 26.13 -6.89 -2.07
C TYR D 55 25.47 -7.78 -1.03
N LYS D 56 26.26 -8.32 -0.10
CA LYS D 56 25.68 -9.18 0.93
C LYS D 56 24.79 -8.39 1.88
N LYS D 57 25.20 -7.16 2.22
CA LYS D 57 24.35 -6.32 3.05
C LYS D 57 23.04 -6.00 2.34
N VAL D 58 23.07 -5.74 1.04
CA VAL D 58 21.85 -5.43 0.31
C VAL D 58 20.96 -6.66 0.21
N LYS D 59 21.56 -7.84 0.04
CA LYS D 59 20.76 -9.07 0.10
C LYS D 59 20.08 -9.19 1.46
N GLY D 60 20.81 -8.93 2.54
CA GLY D 60 20.23 -8.95 3.86
C GLY D 60 19.06 -8.01 3.99
N ILE D 61 19.26 -6.76 3.59
CA ILE D 61 18.22 -5.74 3.72
C ILE D 61 16.98 -6.14 2.94
N MET D 62 17.16 -6.58 1.69
CA MET D 62 15.99 -6.87 0.86
C MET D 62 15.26 -8.12 1.34
N LEU D 63 16.00 -9.14 1.78
CA LEU D 63 15.35 -10.32 2.33
C LEU D 63 14.59 -9.98 3.60
N ARG D 64 15.15 -9.12 4.44
CA ARG D 64 14.47 -8.70 5.66
C ARG D 64 13.26 -7.85 5.36
N LEU D 65 13.32 -7.05 4.28
CA LEU D 65 12.16 -6.26 3.88
C LEU D 65 11.08 -7.14 3.28
N ALA D 66 11.44 -8.31 2.77
CA ALA D 66 10.45 -9.19 2.15
C ALA D 66 9.34 -9.57 3.13
N VAL D 67 9.69 -9.89 4.38
CA VAL D 67 8.70 -10.39 5.32
C VAL D 67 7.71 -9.33 5.78
N VAL D 68 7.87 -8.07 5.37
CA VAL D 68 6.89 -7.03 5.70
C VAL D 68 6.41 -6.32 4.46
N ASP D 69 6.58 -6.96 3.30
CA ASP D 69 6.11 -6.38 2.04
C ASP D 69 5.97 -7.49 1.00
N PRO D 70 4.82 -8.16 0.92
CA PRO D 70 4.72 -9.34 0.07
C PRO D 70 5.04 -9.11 -1.40
N ARG D 71 5.09 -7.87 -1.89
CA ARG D 71 5.53 -7.66 -3.27
C ARG D 71 7.03 -7.91 -3.40
N VAL D 72 7.82 -7.45 -2.43
CA VAL D 72 9.23 -7.79 -2.42
C VAL D 72 9.43 -9.28 -2.21
N LEU D 73 8.46 -9.97 -1.62
CA LEU D 73 8.52 -11.42 -1.54
C LEU D 73 8.56 -12.04 -2.94
N VAL D 74 7.66 -11.62 -3.82
CA VAL D 74 7.69 -12.15 -5.18
C VAL D 74 8.94 -11.68 -5.91
N LEU D 75 9.39 -10.46 -5.64
CA LEU D 75 10.61 -9.98 -6.29
C LEU D 75 11.80 -10.88 -5.95
N VAL D 76 12.05 -11.11 -4.66
CA VAL D 76 13.18 -11.96 -4.28
C VAL D 76 12.93 -13.40 -4.70
N LEU D 77 11.67 -13.82 -4.77
CA LEU D 77 11.38 -15.18 -5.20
C LEU D 77 11.76 -15.41 -6.65
N GLU D 78 11.66 -14.38 -7.48
CA GLU D 78 12.14 -14.50 -8.86
C GLU D 78 13.65 -14.32 -8.91
N LEU D 79 14.17 -13.34 -8.17
CA LEU D 79 15.60 -13.06 -8.18
C LEU D 79 16.41 -14.27 -7.73
N ALA D 80 15.83 -15.11 -6.87
CA ALA D 80 16.55 -16.31 -6.39
C ALA D 80 16.98 -17.20 -7.54
N GLU D 81 16.09 -17.45 -8.50
CA GLU D 81 16.47 -18.23 -9.66
C GLU D 81 17.11 -17.38 -10.75
N ALA D 82 16.93 -16.07 -10.70
CA ALA D 82 17.62 -15.20 -11.64
C ALA D 82 19.12 -15.22 -11.40
N LEU D 83 19.54 -15.25 -10.14
CA LEU D 83 20.96 -15.41 -9.83
C LEU D 83 21.34 -16.89 -9.82
N GLY D 84 20.56 -17.71 -9.12
CA GLY D 84 20.94 -19.08 -8.85
C GLY D 84 21.63 -19.28 -7.52
N ASP D 85 21.74 -18.24 -6.71
CA ASP D 85 22.44 -18.33 -5.43
C ASP D 85 21.72 -19.28 -4.48
N GLU D 86 22.48 -19.93 -3.60
CA GLU D 86 21.93 -20.95 -2.71
C GLU D 86 21.61 -20.42 -1.31
N GLU D 87 21.68 -19.11 -1.10
CA GLU D 87 21.09 -18.53 0.11
C GLU D 87 19.68 -18.03 -0.19
N MET D 88 19.52 -17.24 -1.26
CA MET D 88 18.18 -16.82 -1.67
C MET D 88 17.27 -18.01 -1.93
N LYS D 89 17.74 -18.98 -2.71
CA LYS D 89 16.94 -20.17 -2.98
C LYS D 89 16.66 -20.97 -1.71
N GLU D 90 17.52 -20.84 -0.69
CA GLU D 90 17.31 -21.55 0.56
C GLU D 90 16.51 -20.71 1.55
N LYS D 91 16.91 -19.46 1.77
CA LYS D 91 16.30 -18.68 2.84
C LYS D 91 14.97 -18.06 2.43
N VAL D 92 14.79 -17.69 1.16
CA VAL D 92 13.49 -17.17 0.74
C VAL D 92 12.44 -18.26 0.79
N LYS D 93 12.80 -19.48 0.41
CA LYS D 93 11.89 -20.61 0.43
C LYS D 93 11.73 -21.14 1.86
N ASN D 94 12.14 -20.36 2.83
CA ASN D 94 11.79 -20.63 4.22
C ASN D 94 11.09 -19.46 4.89
N ILE D 95 11.50 -18.22 4.60
CA ILE D 95 10.73 -17.10 5.11
C ILE D 95 9.34 -17.12 4.49
N MET D 96 9.21 -17.67 3.28
CA MET D 96 7.88 -17.78 2.69
C MET D 96 7.08 -18.89 3.36
N LEU D 97 7.70 -20.05 3.58
CA LEU D 97 6.97 -21.18 4.13
C LEU D 97 6.96 -21.10 5.65
N LEU D 98 7.25 -19.91 6.17
CA LEU D 98 7.00 -19.61 7.57
C LEU D 98 6.07 -18.41 7.70
N LEU D 99 6.20 -17.46 6.77
CA LEU D 99 5.28 -16.32 6.70
C LEU D 99 3.88 -16.76 6.32
N ALA D 100 3.76 -17.81 5.50
CA ALA D 100 2.45 -18.29 5.09
C ALA D 100 1.59 -18.72 6.27
N VAL D 101 2.21 -19.09 7.40
CA VAL D 101 1.43 -19.54 8.54
C VAL D 101 0.55 -18.42 9.08
N VAL D 102 1.05 -17.19 9.07
CA VAL D 102 0.37 -16.06 9.69
C VAL D 102 -0.13 -15.04 8.70
N ASP D 103 -0.05 -15.31 7.40
CA ASP D 103 -0.56 -14.38 6.38
C ASP D 103 -1.45 -15.15 5.42
N PRO D 104 -2.74 -14.84 5.35
CA PRO D 104 -3.64 -15.67 4.52
C PRO D 104 -3.42 -15.54 3.02
N ARG D 105 -2.93 -14.40 2.54
CA ARG D 105 -2.72 -14.25 1.10
C ARG D 105 -1.53 -15.07 0.63
N VAL D 106 -0.50 -15.22 1.47
CA VAL D 106 0.65 -16.02 1.07
C VAL D 106 0.26 -17.49 0.95
N LEU D 107 -0.75 -17.93 1.72
CA LEU D 107 -1.19 -19.31 1.66
C LEU D 107 -1.84 -19.67 0.33
N VAL D 108 -2.07 -18.69 -0.55
CA VAL D 108 -2.63 -18.97 -1.87
C VAL D 108 -1.64 -18.45 -2.90
N LEU D 109 -0.47 -18.04 -2.45
CA LEU D 109 0.67 -17.82 -3.33
C LEU D 109 1.53 -19.08 -3.41
N VAL D 110 1.83 -19.67 -2.25
CA VAL D 110 2.60 -20.90 -2.23
C VAL D 110 1.87 -22.03 -2.97
N LEU D 111 0.54 -22.05 -2.86
CA LEU D 111 -0.23 -23.12 -3.49
C LEU D 111 -0.17 -23.05 -5.01
N GLU D 112 0.17 -21.90 -5.58
CA GLU D 112 0.40 -21.84 -7.01
C GLU D 112 1.80 -22.35 -7.36
N LEU D 113 2.80 -22.00 -6.56
CA LEU D 113 4.15 -22.52 -6.78
C LEU D 113 4.19 -24.03 -6.64
N ALA D 114 3.31 -24.60 -5.80
CA ALA D 114 3.27 -26.04 -5.60
C ALA D 114 3.05 -26.80 -6.91
N GLU D 115 2.69 -26.08 -7.97
CA GLU D 115 2.51 -26.71 -9.28
C GLU D 115 3.34 -25.97 -10.33
N GLU D 116 3.58 -24.68 -10.14
CA GLU D 116 4.38 -23.92 -11.10
C GLU D 116 5.85 -24.29 -11.03
N LEU D 117 6.30 -24.89 -9.92
CA LEU D 117 7.60 -25.53 -9.83
C LEU D 117 7.51 -27.02 -9.55
N GLY D 118 6.49 -27.47 -8.83
CA GLY D 118 6.25 -28.89 -8.66
C GLY D 118 7.28 -29.60 -7.81
N ASP D 119 7.84 -28.93 -6.81
CA ASP D 119 8.80 -29.57 -5.92
C ASP D 119 8.05 -30.49 -4.96
N GLU D 120 8.40 -31.78 -4.97
CA GLU D 120 7.64 -32.74 -4.18
C GLU D 120 7.78 -32.46 -2.69
N GLU D 121 8.98 -32.14 -2.23
CA GLU D 121 9.17 -31.86 -0.81
C GLU D 121 8.50 -30.54 -0.42
N MET D 122 8.43 -29.59 -1.34
CA MET D 122 7.71 -28.35 -1.05
C MET D 122 6.21 -28.60 -1.01
N LYS D 123 5.70 -29.46 -1.90
CA LYS D 123 4.30 -29.82 -1.84
C LYS D 123 3.96 -30.54 -0.54
N LYS D 124 4.87 -31.40 -0.07
CA LYS D 124 4.64 -32.04 1.22
C LYS D 124 4.66 -31.02 2.36
N GLU D 125 5.58 -30.07 2.31
CA GLU D 125 5.60 -29.00 3.31
C GLU D 125 4.28 -28.23 3.31
N VAL D 126 3.75 -27.94 2.13
CA VAL D 126 2.50 -27.18 2.05
C VAL D 126 1.35 -28.01 2.57
N GLU D 127 1.31 -29.30 2.27
CA GLU D 127 0.27 -30.16 2.83
C GLU D 127 0.35 -30.19 4.34
N GLU D 128 1.58 -30.22 4.90
CA GLU D 128 1.71 -30.21 6.34
C GLU D 128 1.22 -28.90 6.95
N ILE D 129 1.55 -27.77 6.31
CA ILE D 129 1.07 -26.48 6.78
C ILE D 129 -0.46 -26.46 6.77
N LEU D 130 -1.06 -26.91 5.68
CA LEU D 130 -2.52 -26.87 5.57
C LEU D 130 -3.18 -27.79 6.59
N ASP D 131 -2.59 -28.97 6.81
CA ASP D 131 -3.18 -29.89 7.79
C ASP D 131 -3.04 -29.37 9.21
N LYS D 132 -1.95 -28.69 9.52
CA LYS D 132 -1.82 -28.10 10.86
C LYS D 132 -2.81 -26.97 11.05
N LEU D 133 -2.95 -26.09 10.05
CA LEU D 133 -3.83 -24.93 10.21
C LEU D 133 -5.29 -25.34 10.20
N ALA D 134 -5.65 -26.34 9.40
CA ALA D 134 -7.06 -26.60 9.11
C ALA D 134 -7.86 -27.06 10.33
N GLU D 135 -7.20 -27.61 11.34
CA GLU D 135 -7.93 -28.08 12.51
C GLU D 135 -8.15 -27.00 13.56
N VAL D 136 -7.56 -25.82 13.40
CA VAL D 136 -7.73 -24.74 14.36
C VAL D 136 -8.12 -23.45 13.66
N ASP D 137 -8.50 -23.54 12.40
CA ASP D 137 -8.92 -22.36 11.66
C ASP D 137 -9.86 -22.76 10.53
N PRO D 138 -11.18 -22.65 10.72
CA PRO D 138 -12.12 -23.16 9.71
C PRO D 138 -11.97 -22.54 8.34
N ARG D 139 -11.52 -21.28 8.27
CA ARG D 139 -11.23 -20.68 6.96
C ARG D 139 -10.29 -21.56 6.16
N VAL D 140 -9.23 -22.05 6.80
CA VAL D 140 -8.29 -22.92 6.11
C VAL D 140 -8.91 -24.27 5.77
N ALA D 141 -9.89 -24.73 6.55
CA ALA D 141 -10.57 -25.96 6.18
C ALA D 141 -11.37 -25.78 4.90
N VAL D 142 -12.06 -24.66 4.77
CA VAL D 142 -12.79 -24.40 3.53
C VAL D 142 -11.82 -24.19 2.38
N LEU D 143 -10.66 -23.57 2.67
CA LEU D 143 -9.64 -23.40 1.62
C LEU D 143 -9.13 -24.74 1.13
N LYS D 144 -8.92 -25.69 2.05
CA LYS D 144 -8.53 -27.04 1.66
C LYS D 144 -9.63 -27.73 0.87
N GLU D 145 -10.89 -27.49 1.22
CA GLU D 145 -11.98 -28.11 0.48
C GLU D 145 -12.05 -27.58 -0.95
N VAL D 146 -11.97 -26.26 -1.12
CA VAL D 146 -12.12 -25.67 -2.44
C VAL D 146 -10.92 -25.99 -3.33
N ALA D 147 -9.71 -26.04 -2.75
CA ALA D 147 -8.52 -26.30 -3.54
C ALA D 147 -8.51 -27.66 -4.18
N LYS D 148 -9.45 -28.54 -3.85
CA LYS D 148 -9.53 -29.86 -4.46
C LYS D 148 -10.97 -30.24 -4.78
N VAL E 2 11.87 0.48 -18.84
CA VAL E 2 10.82 1.06 -19.67
C VAL E 2 11.34 1.36 -21.08
N GLU E 3 11.11 2.59 -21.56
CA GLU E 3 11.41 2.93 -22.94
C GLU E 3 12.90 2.83 -23.25
N GLU E 4 13.76 3.37 -22.39
CA GLU E 4 15.19 3.30 -22.66
C GLU E 4 15.72 1.88 -22.50
N LEU E 5 15.14 1.11 -21.58
CA LEU E 5 15.59 -0.27 -21.40
C LEU E 5 15.20 -1.12 -22.60
N LYS E 6 13.99 -0.94 -23.13
CA LYS E 6 13.60 -1.71 -24.32
C LYS E 6 14.34 -1.24 -25.57
N ARG E 7 14.68 0.05 -25.64
CA ARG E 7 15.48 0.53 -26.77
C ARG E 7 16.87 -0.11 -26.74
N LYS E 8 17.53 -0.09 -25.58
CA LYS E 8 18.82 -0.77 -25.44
C LYS E 8 18.68 -2.25 -25.74
N LEU E 9 17.59 -2.86 -25.27
CA LEU E 9 17.31 -4.26 -25.60
C LEU E 9 17.29 -4.49 -27.11
N ARG E 10 16.54 -3.66 -27.84
CA ARG E 10 16.45 -3.81 -29.29
C ARG E 10 17.81 -3.66 -29.94
N GLN E 11 18.56 -2.62 -29.56
CA GLN E 11 19.86 -2.40 -30.18
C GLN E 11 20.85 -3.51 -29.86
N ALA E 12 20.80 -4.04 -28.63
CA ALA E 12 21.70 -5.14 -28.27
C ALA E 12 21.33 -6.42 -29.01
N LYS E 13 20.04 -6.69 -29.17
CA LYS E 13 19.62 -7.85 -29.97
C LYS E 13 20.08 -7.70 -31.40
N GLU E 14 20.04 -6.48 -31.95
CA GLU E 14 20.54 -6.27 -33.31
C GLU E 14 22.05 -6.44 -33.37
N ASP E 15 22.77 -6.06 -32.31
CA ASP E 15 24.22 -6.26 -32.28
C ASP E 15 24.62 -7.69 -32.00
N GLY E 16 23.81 -8.45 -31.25
CA GLY E 16 24.14 -9.83 -30.95
C GLY E 16 24.18 -10.13 -29.47
N ASP E 17 25.35 -10.57 -28.99
CA ASP E 17 25.74 -10.69 -27.59
C ASP E 17 24.60 -11.13 -26.67
N GLU E 18 24.08 -12.33 -26.92
CA GLU E 18 22.98 -12.89 -26.13
C GLU E 18 23.27 -12.86 -24.64
N GLU E 19 24.54 -12.95 -24.25
CA GLU E 19 24.89 -12.91 -22.83
C GLU E 19 24.57 -11.55 -22.21
N LEU E 20 24.50 -10.49 -23.01
CA LEU E 20 24.08 -9.19 -22.51
C LEU E 20 22.56 -9.03 -22.64
N LEU E 21 22.00 -9.49 -23.76
CA LEU E 21 20.56 -9.39 -23.98
C LEU E 21 19.77 -10.12 -22.90
N GLU E 22 20.27 -11.28 -22.44
CA GLU E 22 19.56 -12.01 -21.40
C GLU E 22 19.51 -11.20 -20.10
N ARG E 23 20.59 -10.49 -19.78
CA ARG E 23 20.60 -9.71 -18.54
C ARG E 23 19.75 -8.46 -18.66
N VAL E 24 19.75 -7.81 -19.83
CA VAL E 24 18.85 -6.68 -20.05
C VAL E 24 17.40 -7.12 -19.91
N LYS E 25 17.06 -8.24 -20.57
CA LYS E 25 15.70 -8.76 -20.46
C LYS E 25 15.35 -9.08 -19.00
N ASN E 26 16.26 -9.71 -18.27
CA ASN E 26 15.95 -10.08 -16.89
C ASN E 26 15.79 -8.84 -16.01
N GLU E 27 16.57 -7.79 -16.24
CA GLU E 27 16.37 -6.57 -15.47
C GLU E 27 15.04 -5.92 -15.81
N MET E 28 14.63 -5.96 -17.08
CA MET E 28 13.28 -5.49 -17.41
C MET E 28 12.23 -6.31 -16.69
N LEU E 29 12.42 -7.63 -16.63
CA LEU E 29 11.45 -8.50 -15.97
C LEU E 29 11.34 -8.16 -14.49
N LEU E 30 12.47 -7.94 -13.83
CA LEU E 30 12.45 -7.59 -12.41
C LEU E 30 11.83 -6.23 -12.18
N LEU E 31 12.17 -5.24 -13.00
CA LEU E 31 11.53 -3.94 -12.89
C LEU E 31 10.02 -4.04 -13.09
N ALA E 32 9.57 -4.98 -13.92
CA ALA E 32 8.14 -5.19 -14.11
C ALA E 32 7.46 -5.74 -12.86
N VAL E 33 8.22 -6.33 -11.94
CA VAL E 33 7.62 -6.93 -10.75
C VAL E 33 7.23 -5.86 -9.75
N VAL E 34 8.14 -4.92 -9.48
CA VAL E 34 7.91 -3.92 -8.43
C VAL E 34 7.16 -2.71 -8.97
N ASP E 35 7.40 -2.32 -10.21
CA ASP E 35 6.72 -1.18 -10.80
C ASP E 35 5.62 -1.68 -11.72
N PRO E 36 4.39 -1.81 -11.24
CA PRO E 36 3.37 -2.54 -12.01
C PRO E 36 2.91 -1.83 -13.27
N ARG E 37 3.05 -0.51 -13.37
CA ARG E 37 2.64 0.14 -14.61
C ARG E 37 3.52 -0.24 -15.78
N VAL E 38 4.64 -0.92 -15.54
CA VAL E 38 5.46 -1.43 -16.63
C VAL E 38 4.93 -2.76 -17.16
N LEU E 39 4.09 -3.45 -16.39
CA LEU E 39 3.62 -4.78 -16.79
C LEU E 39 2.90 -4.74 -18.12
N VAL E 40 2.03 -3.75 -18.32
CA VAL E 40 1.31 -3.65 -19.59
C VAL E 40 2.27 -3.37 -20.74
N GLU E 41 3.39 -2.71 -20.45
CA GLU E 41 4.36 -2.41 -21.51
C GLU E 41 5.18 -3.65 -21.86
N VAL E 42 5.97 -4.13 -20.90
CA VAL E 42 6.90 -5.24 -21.17
C VAL E 42 6.16 -6.41 -21.79
N LEU E 43 4.99 -6.74 -21.24
CA LEU E 43 4.18 -7.82 -21.81
C LEU E 43 4.00 -7.63 -23.31
N ASN E 44 3.50 -6.46 -23.72
CA ASN E 44 3.25 -6.26 -25.14
C ASN E 44 4.55 -6.17 -25.93
N THR E 45 5.64 -5.80 -25.26
CA THR E 45 6.95 -5.89 -25.91
C THR E 45 7.29 -7.34 -26.20
N ALA E 46 7.07 -8.23 -25.22
CA ALA E 46 7.48 -9.61 -25.38
C ALA E 46 6.79 -10.26 -26.57
N LYS E 47 5.52 -9.91 -26.79
CA LYS E 47 4.81 -10.47 -27.94
C LYS E 47 5.43 -10.00 -29.24
N GLU E 48 5.85 -8.73 -29.31
CA GLU E 48 6.31 -8.17 -30.58
C GLU E 48 7.63 -8.78 -31.03
N LEU E 49 8.55 -9.03 -30.10
CA LEU E 49 9.83 -9.64 -30.46
C LEU E 49 9.70 -11.07 -30.97
N GLY E 50 8.51 -11.66 -30.85
CA GLY E 50 8.35 -13.06 -31.24
C GLY E 50 9.02 -14.03 -30.30
N ASP E 51 8.95 -13.77 -29.00
CA ASP E 51 9.54 -14.64 -27.97
C ASP E 51 8.39 -15.14 -27.11
N GLU E 52 7.98 -16.39 -27.32
CA GLU E 52 6.94 -16.97 -26.50
C GLU E 52 7.40 -17.19 -25.06
N GLU E 53 8.71 -17.42 -24.87
CA GLU E 53 9.22 -17.71 -23.53
C GLU E 53 9.11 -16.50 -22.62
N MET E 54 9.58 -15.34 -23.10
CA MET E 54 9.48 -14.12 -22.31
C MET E 54 8.04 -13.75 -22.02
N TYR E 55 7.18 -13.80 -23.04
CA TYR E 55 5.78 -13.47 -22.87
C TYR E 55 5.12 -14.39 -21.85
N LYS E 56 5.39 -15.70 -21.93
CA LYS E 56 4.78 -16.63 -21.00
C LYS E 56 5.32 -16.43 -19.59
N LYS E 57 6.61 -16.16 -19.45
CA LYS E 57 7.17 -15.91 -18.12
C LYS E 57 6.61 -14.63 -17.51
N VAL E 58 6.37 -13.61 -18.33
CA VAL E 58 5.77 -12.38 -17.80
C VAL E 58 4.33 -12.63 -17.39
N LYS E 59 3.59 -13.41 -18.18
CA LYS E 59 2.25 -13.81 -17.75
C LYS E 59 2.30 -14.51 -16.41
N GLY E 60 3.27 -15.41 -16.23
CA GLY E 60 3.43 -16.11 -14.97
C GLY E 60 3.73 -15.18 -13.82
N ILE E 61 4.70 -14.28 -14.02
CA ILE E 61 5.08 -13.34 -12.98
C ILE E 61 3.87 -12.51 -12.54
N MET E 62 3.17 -11.92 -13.51
CA MET E 62 2.04 -11.06 -13.12
C MET E 62 0.91 -11.88 -12.51
N LEU E 63 0.70 -13.11 -12.97
CA LEU E 63 -0.39 -13.91 -12.43
C LEU E 63 -0.11 -14.29 -10.97
N ARG E 64 1.11 -14.70 -10.66
CA ARG E 64 1.42 -15.04 -9.27
C ARG E 64 1.72 -13.82 -8.42
N LEU E 65 1.91 -12.65 -9.03
CA LEU E 65 1.94 -11.41 -8.26
C LEU E 65 0.54 -10.94 -7.92
N ALA E 66 -0.45 -11.34 -8.73
CA ALA E 66 -1.83 -10.95 -8.45
C ALA E 66 -2.28 -11.43 -7.08
N VAL E 67 -1.87 -12.64 -6.68
CA VAL E 67 -2.35 -13.22 -5.43
C VAL E 67 -1.75 -12.55 -4.20
N VAL E 68 -0.85 -11.59 -4.36
CA VAL E 68 -0.32 -10.82 -3.25
C VAL E 68 -0.57 -9.33 -3.41
N ASP E 69 -1.35 -8.92 -4.40
CA ASP E 69 -1.65 -7.51 -4.62
C ASP E 69 -2.94 -7.35 -5.41
N PRO E 70 -4.09 -7.18 -4.75
CA PRO E 70 -5.37 -7.22 -5.46
C PRO E 70 -5.55 -6.17 -6.56
N ARG E 71 -4.80 -5.06 -6.53
CA ARG E 71 -4.87 -4.15 -7.68
C ARG E 71 -4.36 -4.81 -8.94
N VAL E 72 -3.27 -5.58 -8.83
CA VAL E 72 -2.81 -6.36 -9.97
C VAL E 72 -3.81 -7.47 -10.28
N LEU E 73 -4.60 -7.90 -9.30
CA LEU E 73 -5.65 -8.88 -9.59
C LEU E 73 -6.71 -8.27 -10.49
N VAL E 74 -7.13 -7.04 -10.22
CA VAL E 74 -8.06 -6.37 -11.13
C VAL E 74 -7.40 -6.15 -12.49
N LEU E 75 -6.11 -5.79 -12.50
CA LEU E 75 -5.41 -5.62 -13.76
C LEU E 75 -5.46 -6.88 -14.61
N VAL E 76 -5.08 -8.03 -14.03
CA VAL E 76 -5.04 -9.25 -14.83
C VAL E 76 -6.44 -9.72 -15.16
N LEU E 77 -7.42 -9.45 -14.31
CA LEU E 77 -8.79 -9.84 -14.61
C LEU E 77 -9.32 -9.07 -15.81
N GLU E 78 -8.90 -7.81 -15.96
CA GLU E 78 -9.27 -7.04 -17.15
C GLU E 78 -8.43 -7.46 -18.36
N LEU E 79 -7.14 -7.70 -18.14
CA LEU E 79 -6.24 -8.07 -19.22
C LEU E 79 -6.62 -9.40 -19.85
N ALA E 80 -7.17 -10.33 -19.05
CA ALA E 80 -7.66 -11.59 -19.60
C ALA E 80 -8.69 -11.36 -20.69
N GLU E 81 -9.58 -10.40 -20.49
CA GLU E 81 -10.55 -10.08 -21.53
C GLU E 81 -9.94 -9.23 -22.63
N ALA E 82 -8.95 -8.41 -22.30
CA ALA E 82 -8.33 -7.57 -23.33
C ALA E 82 -7.53 -8.39 -24.33
N LEU E 83 -6.94 -9.51 -23.89
CA LEU E 83 -6.26 -10.41 -24.82
C LEU E 83 -7.23 -11.43 -25.41
N GLY E 84 -8.19 -11.90 -24.63
CA GLY E 84 -9.04 -13.00 -25.06
C GLY E 84 -8.29 -14.31 -25.04
N ASP E 85 -7.56 -14.56 -23.96
CA ASP E 85 -6.79 -15.77 -23.78
C ASP E 85 -7.56 -16.73 -22.88
N GLU E 86 -7.54 -18.01 -23.22
CA GLU E 86 -8.22 -19.03 -22.41
C GLU E 86 -7.31 -19.70 -21.41
N GLU E 87 -6.06 -19.25 -21.28
CA GLU E 87 -5.26 -19.60 -20.12
C GLU E 87 -5.40 -18.54 -19.04
N MET E 88 -5.26 -17.27 -19.42
CA MET E 88 -5.48 -16.18 -18.48
C MET E 88 -6.91 -16.21 -17.93
N LYS E 89 -7.90 -16.35 -18.81
CA LYS E 89 -9.29 -16.28 -18.38
C LYS E 89 -9.70 -17.48 -17.55
N GLU E 90 -8.93 -18.57 -17.59
CA GLU E 90 -9.20 -19.70 -16.70
C GLU E 90 -8.44 -19.56 -15.40
N LYS E 91 -7.14 -19.28 -15.47
CA LYS E 91 -6.33 -19.31 -14.26
C LYS E 91 -6.59 -18.09 -13.37
N VAL E 92 -6.89 -16.93 -13.95
CA VAL E 92 -7.24 -15.77 -13.12
C VAL E 92 -8.59 -15.99 -12.46
N LYS E 93 -9.58 -16.46 -13.22
CA LYS E 93 -10.88 -16.79 -12.64
C LYS E 93 -10.84 -18.03 -11.78
N ASN E 94 -9.69 -18.65 -11.59
CA ASN E 94 -9.54 -19.63 -10.53
C ASN E 94 -8.81 -19.08 -9.31
N ILE E 95 -7.69 -18.39 -9.50
CA ILE E 95 -6.99 -17.82 -8.35
C ILE E 95 -7.87 -16.82 -7.64
N MET E 96 -8.78 -16.17 -8.36
CA MET E 96 -9.71 -15.25 -7.69
C MET E 96 -10.73 -16.01 -6.87
N LEU E 97 -11.32 -17.07 -7.45
CA LEU E 97 -12.37 -17.81 -6.76
C LEU E 97 -11.74 -18.85 -5.84
N LEU E 98 -10.46 -18.66 -5.54
CA LEU E 98 -9.79 -19.42 -4.49
C LEU E 98 -9.22 -18.47 -3.44
N LEU E 99 -8.75 -17.30 -3.88
CA LEU E 99 -8.27 -16.26 -2.99
C LEU E 99 -9.41 -15.62 -2.21
N ALA E 100 -10.63 -15.63 -2.77
CA ALA E 100 -11.76 -15.06 -2.05
C ALA E 100 -11.97 -15.75 -0.70
N VAL E 101 -11.55 -17.00 -0.57
CA VAL E 101 -11.82 -17.74 0.65
C VAL E 101 -11.09 -17.11 1.84
N VAL E 102 -9.86 -16.65 1.63
CA VAL E 102 -9.02 -16.20 2.74
C VAL E 102 -8.83 -14.69 2.77
N ASP E 103 -9.30 -13.97 1.76
CA ASP E 103 -9.21 -12.52 1.73
C ASP E 103 -10.62 -12.00 1.50
N PRO E 104 -11.21 -11.27 2.44
CA PRO E 104 -12.66 -11.12 2.43
C PRO E 104 -13.18 -9.91 1.67
N ARG E 105 -12.31 -8.99 1.23
CA ARG E 105 -12.77 -7.94 0.33
C ARG E 105 -12.88 -8.45 -1.09
N VAL E 106 -12.09 -9.46 -1.45
CA VAL E 106 -12.28 -10.10 -2.73
C VAL E 106 -13.65 -10.77 -2.79
N LEU E 107 -14.17 -11.22 -1.65
CA LEU E 107 -15.50 -11.80 -1.61
C LEU E 107 -16.59 -10.78 -1.92
N VAL E 108 -16.24 -9.52 -2.10
CA VAL E 108 -17.16 -8.51 -2.59
C VAL E 108 -16.88 -8.15 -4.05
N LEU E 109 -15.60 -8.11 -4.44
CA LEU E 109 -15.28 -7.93 -5.85
C LEU E 109 -15.93 -9.01 -6.69
N VAL E 110 -15.88 -10.25 -6.22
CA VAL E 110 -16.48 -11.36 -6.95
C VAL E 110 -18.00 -11.19 -7.01
N LEU E 111 -18.61 -10.69 -5.93
CA LEU E 111 -20.05 -10.49 -5.93
C LEU E 111 -20.46 -9.38 -6.89
N GLU E 112 -19.58 -8.40 -7.10
CA GLU E 112 -19.86 -7.37 -8.09
C GLU E 112 -19.68 -7.88 -9.51
N LEU E 113 -18.69 -8.74 -9.73
CA LEU E 113 -18.51 -9.34 -11.06
C LEU E 113 -19.68 -10.27 -11.39
N ALA E 114 -20.22 -10.95 -10.39
CA ALA E 114 -21.33 -11.86 -10.67
C ALA E 114 -22.61 -11.14 -11.01
N GLU E 115 -22.61 -9.81 -11.13
CA GLU E 115 -23.77 -9.09 -11.64
C GLU E 115 -23.36 -8.20 -12.81
N GLU E 116 -22.12 -7.72 -12.80
CA GLU E 116 -21.66 -6.92 -13.94
C GLU E 116 -21.36 -7.81 -15.14
N LEU E 117 -20.81 -9.00 -14.91
CA LEU E 117 -20.67 -9.99 -15.97
C LEU E 117 -21.81 -11.01 -15.93
N GLY E 118 -22.27 -11.38 -14.74
CA GLY E 118 -23.41 -12.25 -14.62
C GLY E 118 -23.18 -13.67 -15.08
N ASP E 119 -21.94 -14.14 -15.05
CA ASP E 119 -21.63 -15.50 -15.45
C ASP E 119 -22.40 -16.50 -14.59
N GLU E 120 -23.08 -17.44 -15.23
CA GLU E 120 -23.89 -18.41 -14.49
C GLU E 120 -23.01 -19.32 -13.65
N GLU E 121 -21.93 -19.84 -14.24
CA GLU E 121 -21.03 -20.71 -13.48
C GLU E 121 -20.39 -19.95 -12.33
N MET E 122 -20.01 -18.69 -12.55
CA MET E 122 -19.46 -17.89 -11.48
C MET E 122 -20.42 -17.76 -10.31
N LYS E 123 -21.69 -17.43 -10.60
CA LYS E 123 -22.69 -17.31 -9.54
C LYS E 123 -22.88 -18.63 -8.82
N LYS E 124 -22.92 -19.74 -9.56
CA LYS E 124 -23.18 -21.02 -8.93
C LYS E 124 -22.00 -21.48 -8.09
N GLU E 125 -20.78 -21.07 -8.44
CA GLU E 125 -19.64 -21.30 -7.57
C GLU E 125 -19.71 -20.42 -6.33
N VAL E 126 -20.03 -19.14 -6.53
CA VAL E 126 -20.00 -18.16 -5.44
C VAL E 126 -21.03 -18.50 -4.38
N GLU E 127 -22.19 -19.01 -4.79
CA GLU E 127 -23.20 -19.38 -3.80
C GLU E 127 -22.67 -20.48 -2.88
N GLU E 128 -21.95 -21.45 -3.44
CA GLU E 128 -21.37 -22.49 -2.61
C GLU E 128 -20.25 -21.96 -1.73
N ILE E 129 -19.41 -21.05 -2.27
CA ILE E 129 -18.39 -20.40 -1.45
C ILE E 129 -19.04 -19.77 -0.22
N LEU E 130 -20.08 -18.97 -0.45
CA LEU E 130 -20.73 -18.27 0.67
C LEU E 130 -21.38 -19.25 1.64
N ASP E 131 -22.03 -20.29 1.14
CA ASP E 131 -22.70 -21.22 2.03
C ASP E 131 -21.68 -21.99 2.88
N LYS E 132 -20.52 -22.31 2.31
CA LYS E 132 -19.49 -22.99 3.09
C LYS E 132 -18.86 -22.05 4.12
N LEU E 133 -18.67 -20.79 3.75
CA LEU E 133 -18.04 -19.84 4.67
C LEU E 133 -18.98 -19.46 5.80
N ALA E 134 -20.28 -19.34 5.51
CA ALA E 134 -21.21 -18.68 6.42
C ALA E 134 -21.43 -19.43 7.72
N GLU E 135 -21.27 -20.75 7.74
CA GLU E 135 -21.50 -21.49 8.97
C GLU E 135 -20.31 -21.46 9.92
N VAL E 136 -19.17 -20.92 9.50
CA VAL E 136 -17.98 -20.89 10.36
C VAL E 136 -17.44 -19.46 10.43
N ASP E 137 -18.24 -18.49 10.00
CA ASP E 137 -17.81 -17.11 10.04
C ASP E 137 -19.03 -16.19 10.06
N PRO E 138 -19.52 -15.77 11.24
CA PRO E 138 -20.79 -15.04 11.28
C PRO E 138 -20.80 -13.74 10.51
N ARG E 139 -19.64 -13.10 10.34
CA ARG E 139 -19.60 -11.90 9.51
C ARG E 139 -19.99 -12.23 8.08
N VAL E 140 -19.54 -13.38 7.57
CA VAL E 140 -19.96 -13.80 6.23
C VAL E 140 -21.44 -14.13 6.23
N ALA E 141 -21.99 -14.58 7.35
CA ALA E 141 -23.43 -14.82 7.43
C ALA E 141 -24.20 -13.51 7.26
N VAL E 142 -23.82 -12.47 8.01
CA VAL E 142 -24.52 -11.21 7.84
C VAL E 142 -24.22 -10.60 6.47
N LEU E 143 -23.06 -10.92 5.89
CA LEU E 143 -22.78 -10.48 4.52
C LEU E 143 -23.73 -11.12 3.53
N LYS E 144 -24.05 -12.40 3.73
CA LYS E 144 -25.05 -13.06 2.89
C LYS E 144 -26.44 -12.51 3.18
N GLU E 145 -26.66 -11.99 4.39
CA GLU E 145 -27.94 -11.37 4.68
C GLU E 145 -28.09 -10.03 3.96
N VAL E 146 -27.01 -9.25 3.88
CA VAL E 146 -27.10 -7.93 3.26
C VAL E 146 -27.13 -8.03 1.73
N ALA E 147 -26.46 -9.02 1.17
CA ALA E 147 -26.39 -9.16 -0.28
C ALA E 147 -27.66 -9.76 -0.89
N LYS E 148 -28.75 -9.81 -0.11
CA LYS E 148 -30.04 -10.25 -0.62
C LYS E 148 -31.14 -9.28 -0.22
#